data_3UL2
#
_entry.id   3UL2
#
_cell.length_a   90.496
_cell.length_b   90.496
_cell.length_c   514.240
_cell.angle_alpha   90.00
_cell.angle_beta   90.00
_cell.angle_gamma   120.00
#
_symmetry.space_group_name_H-M   'P 65 2 2'
#
loop_
_entity.id
_entity.type
_entity.pdbx_description
1 polymer 'Legume lectin'
2 non-polymer 'CALCIUM ION'
3 non-polymer 'MANGANESE (II) ION'
4 non-polymer beta-D-galactopyranose
5 non-polymer 1,2-ETHANEDIOL
6 non-polymer DI(HYDROXYETHYL)ETHER
7 water water
#
_entity_poly.entity_id   1
_entity_poly.type   'polypeptide(L)'
_entity_poly.pdbx_seq_one_letter_code
;NNLISFTMKRIVLFLILLTKAASANLISFTFKKFNETNLILQRDATVSSGKLRITKAAENGVPTAGSLGRAFYSTPIQIW
DNTTGTVASWATSFTFNLQAPNAASPADGLAFALVPVGSQPKDKGGFLGLFDSKNYASSNQTVAVEFDTFYNGGWDPTER
HIGIDVNSIKSIKTTSWDFANGENAEVLITYDSSTNLLVASLVHPSQKTSFIVSERVDLTSVLPEWVSVGFSATTGLSKG
YVETNEVLSWSFASKLSINKEDEENKLAIFNLEGKAINNLA
;
_entity_poly.pdbx_strand_id   A,B,C,D
#
loop_
_chem_comp.id
_chem_comp.type
_chem_comp.name
_chem_comp.formula
CA non-polymer 'CALCIUM ION' 'Ca 2'
EDO non-polymer 1,2-ETHANEDIOL 'C2 H6 O2'
GAL D-saccharide, beta linking beta-D-galactopyranose 'C6 H12 O6'
MN non-polymer 'MANGANESE (II) ION' 'Mn 2'
PEG non-polymer DI(HYDROXYETHYL)ETHER 'C4 H10 O3'
#
# COMPACT_ATOMS: atom_id res chain seq x y z
N ALA A 24 -4.80 37.22 29.33
CA ALA A 24 -4.68 37.30 27.84
C ALA A 24 -6.03 37.17 27.17
N ASN A 25 -6.33 38.11 26.28
CA ASN A 25 -7.56 38.07 25.51
C ASN A 25 -7.45 37.06 24.37
N LEU A 26 -8.50 36.27 24.20
CA LEU A 26 -8.55 35.23 23.17
C LEU A 26 -9.78 35.38 22.26
N ILE A 27 -9.61 35.02 21.00
CA ILE A 27 -10.72 34.89 20.07
C ILE A 27 -10.45 33.76 19.08
N SER A 28 -11.45 32.93 18.84
CA SER A 28 -11.34 31.86 17.85
C SER A 28 -12.68 31.47 17.28
N PHE A 29 -12.65 30.85 16.09
CA PHE A 29 -13.84 30.24 15.49
C PHE A 29 -13.45 29.17 14.47
N THR A 30 -14.39 28.27 14.18
CA THR A 30 -14.23 27.27 13.15
C THR A 30 -15.54 27.15 12.36
N PHE A 31 -15.48 27.53 11.09
CA PHE A 31 -16.59 27.31 10.17
C PHE A 31 -16.30 26.08 9.31
N LYS A 32 -16.92 24.95 9.64
CA LYS A 32 -16.87 23.80 8.74
C LYS A 32 -17.88 23.98 7.61
N LYS A 33 -18.97 24.70 7.91
CA LYS A 33 -19.93 25.20 6.91
C LYS A 33 -20.15 26.69 7.14
N PHE A 34 -20.51 27.42 6.10
CA PHE A 34 -20.63 28.89 6.18
C PHE A 34 -22.06 29.38 6.35
N ASN A 35 -22.18 30.61 6.88
CA ASN A 35 -23.46 31.27 7.10
C ASN A 35 -23.31 32.77 6.87
N GLU A 36 -24.32 33.40 6.28
CA GLU A 36 -24.31 34.84 6.05
C GLU A 36 -24.24 35.64 7.35
N THR A 37 -24.84 35.09 8.40
CA THR A 37 -25.18 35.84 9.62
C THR A 37 -23.96 36.30 10.44
N ASN A 38 -22.88 35.52 10.40
CA ASN A 38 -21.65 35.91 11.07
C ASN A 38 -20.53 36.38 10.12
N LEU A 39 -20.92 36.79 8.92
CA LEU A 39 -19.95 37.32 7.95
C LEU A 39 -20.34 38.70 7.44
N ILE A 40 -19.33 39.47 7.04
CA ILE A 40 -19.53 40.72 6.34
C ILE A 40 -19.22 40.47 4.85
N LEU A 41 -20.28 40.38 4.06
CA LEU A 41 -20.20 40.03 2.64
C LEU A 41 -20.11 41.28 1.78
N GLN A 42 -19.13 41.31 0.88
CA GLN A 42 -18.92 42.45 0.00
C GLN A 42 -18.91 42.05 -1.46
N ARG A 43 -19.62 42.82 -2.27
CA ARG A 43 -19.76 42.61 -3.71
C ARG A 43 -20.40 41.29 -4.11
N ASP A 44 -19.66 40.46 -4.85
CA ASP A 44 -20.22 39.23 -5.40
C ASP A 44 -20.15 38.04 -4.43
N ALA A 45 -19.48 38.23 -3.30
CA ALA A 45 -19.31 37.14 -2.33
C ALA A 45 -20.65 36.67 -1.79
N THR A 46 -20.80 35.35 -1.72
CA THR A 46 -22.07 34.76 -1.36
C THR A 46 -21.89 33.40 -0.69
N VAL A 47 -22.81 33.06 0.20
CA VAL A 47 -22.85 31.72 0.78
C VAL A 47 -23.90 30.89 0.04
N SER A 48 -23.45 29.77 -0.52
CA SER A 48 -24.32 28.84 -1.26
C SER A 48 -24.07 27.42 -0.81
N SER A 49 -25.11 26.79 -0.27
CA SER A 49 -25.04 25.41 0.25
C SER A 49 -23.87 25.22 1.23
N GLY A 50 -23.73 26.17 2.16
CA GLY A 50 -22.69 26.10 3.18
C GLY A 50 -21.28 26.39 2.69
N LYS A 51 -21.14 26.74 1.43
CA LYS A 51 -19.84 27.07 0.85
C LYS A 51 -19.75 28.56 0.60
N LEU A 52 -18.61 29.14 0.97
CA LEU A 52 -18.34 30.54 0.69
C LEU A 52 -17.85 30.69 -0.74
N ARG A 53 -18.73 31.18 -1.60
CA ARG A 53 -18.42 31.44 -3.01
C ARG A 53 -18.09 32.91 -3.15
N ILE A 54 -16.80 33.22 -3.20
CA ILE A 54 -16.32 34.60 -3.26
C ILE A 54 -16.65 35.30 -4.58
N THR A 55 -16.54 34.59 -5.69
CA THR A 55 -16.84 35.18 -6.99
C THR A 55 -18.01 34.48 -7.67
N LYS A 56 -18.63 35.17 -8.62
CA LYS A 56 -19.89 34.73 -9.22
C LYS A 56 -19.82 33.41 -10.02
N ALA A 57 -20.82 32.57 -9.79
CA ALA A 57 -21.03 31.35 -10.55
C ALA A 57 -22.46 31.34 -11.06
N ALA A 58 -22.66 30.84 -12.27
CA ALA A 58 -23.99 30.73 -12.88
C ALA A 58 -24.83 29.64 -12.21
N GLU A 59 -26.11 29.60 -12.54
CA GLU A 59 -27.03 28.59 -12.00
C GLU A 59 -26.60 27.18 -12.44
N ASN A 60 -26.03 27.10 -13.65
CA ASN A 60 -25.47 25.85 -14.18
C ASN A 60 -24.08 25.52 -13.62
N GLY A 61 -23.50 26.45 -12.88
CA GLY A 61 -22.19 26.27 -12.26
C GLY A 61 -21.03 26.81 -13.09
N VAL A 62 -21.33 27.78 -13.95
CA VAL A 62 -20.31 28.40 -14.79
C VAL A 62 -19.76 29.64 -14.09
N PRO A 63 -18.43 29.67 -13.84
CA PRO A 63 -17.85 30.89 -13.28
C PRO A 63 -17.92 32.07 -14.24
N THR A 64 -18.27 33.24 -13.73
CA THR A 64 -18.41 34.44 -14.55
C THR A 64 -17.18 35.35 -14.40
N ALA A 65 -16.85 36.06 -15.48
CA ALA A 65 -15.70 36.97 -15.49
C ALA A 65 -16.03 38.29 -14.83
N GLY A 66 -15.00 39.11 -14.62
CA GLY A 66 -15.16 40.47 -14.07
C GLY A 66 -15.71 40.51 -12.65
N SER A 67 -15.57 39.41 -11.93
CA SER A 67 -16.14 39.29 -10.58
C SER A 67 -15.15 39.68 -9.49
N LEU A 68 -15.67 40.30 -8.43
CA LEU A 68 -14.90 40.60 -7.22
C LEU A 68 -15.78 40.26 -6.03
N GLY A 69 -15.20 39.59 -5.03
CA GLY A 69 -15.93 39.25 -3.81
C GLY A 69 -15.05 39.25 -2.57
N ARG A 70 -15.65 39.62 -1.44
CA ARG A 70 -14.96 39.69 -0.16
C ARG A 70 -15.84 39.22 1.00
N ALA A 71 -15.21 38.54 1.95
CA ALA A 71 -15.89 38.09 3.16
C ALA A 71 -14.98 38.27 4.38
N PHE A 72 -15.53 38.90 5.42
CA PHE A 72 -14.80 39.09 6.67
C PHE A 72 -15.65 38.66 7.84
N TYR A 73 -14.97 38.27 8.93
CA TYR A 73 -15.64 37.90 10.16
C TYR A 73 -16.27 39.15 10.79
N SER A 74 -17.41 38.97 11.44
CA SER A 74 -18.20 40.08 11.96
C SER A 74 -17.63 40.74 13.22
N THR A 75 -16.67 40.09 13.87
CA THR A 75 -15.99 40.65 15.04
C THR A 75 -14.56 41.08 14.71
N PRO A 76 -14.24 42.36 14.96
CA PRO A 76 -12.90 42.90 14.74
C PRO A 76 -11.85 42.20 15.63
N ILE A 77 -10.64 42.07 15.11
CA ILE A 77 -9.55 41.45 15.86
C ILE A 77 -8.50 42.51 16.21
N GLN A 78 -8.14 42.60 17.50
CA GLN A 78 -7.05 43.48 17.92
C GLN A 78 -5.76 42.76 17.61
N ILE A 79 -4.99 43.36 16.70
CA ILE A 79 -3.75 42.76 16.23
C ILE A 79 -2.53 43.29 17.00
N TRP A 80 -2.65 44.50 17.53
CA TRP A 80 -1.64 45.05 18.43
C TRP A 80 -2.24 46.11 19.34
N ASP A 81 -1.59 46.36 20.48
CA ASP A 81 -2.05 47.36 21.45
C ASP A 81 -1.00 48.46 21.58
N ASN A 82 -1.39 49.68 21.21
CA ASN A 82 -0.50 50.85 21.27
C ASN A 82 -0.09 51.21 22.70
N THR A 83 -1.03 51.12 23.65
CA THR A 83 -0.78 51.52 25.04
C THR A 83 0.15 50.58 25.81
N THR A 84 0.11 49.29 25.49
CA THR A 84 0.93 48.30 26.18
C THR A 84 2.15 47.86 25.36
N GLY A 85 2.08 48.05 24.04
CA GLY A 85 3.12 47.58 23.13
C GLY A 85 3.03 46.10 22.79
N THR A 86 1.94 45.45 23.20
CA THR A 86 1.77 44.02 22.93
C THR A 86 1.26 43.76 21.52
N VAL A 87 1.73 42.66 20.95
CA VAL A 87 1.35 42.25 19.61
C VAL A 87 0.68 40.87 19.69
N ALA A 88 -0.44 40.72 19.00
CA ALA A 88 -1.15 39.44 18.96
C ALA A 88 -0.39 38.41 18.14
N SER A 89 -0.39 37.18 18.62
CA SER A 89 -0.03 36.02 17.82
C SER A 89 -1.33 35.42 17.28
N TRP A 90 -1.34 35.09 15.99
CA TRP A 90 -2.54 34.52 15.40
C TRP A 90 -2.26 33.44 14.37
N ALA A 91 -3.27 32.59 14.15
CA ALA A 91 -3.20 31.56 13.13
C ALA A 91 -4.54 31.43 12.43
N THR A 92 -4.49 31.07 11.15
CA THR A 92 -5.71 30.77 10.41
C THR A 92 -5.48 29.60 9.48
N SER A 93 -6.50 28.76 9.36
CA SER A 93 -6.46 27.66 8.42
C SER A 93 -7.76 27.64 7.63
N PHE A 94 -7.63 27.36 6.34
CA PHE A 94 -8.78 27.24 5.47
C PHE A 94 -8.54 26.25 4.35
N THR A 95 -9.63 25.73 3.78
CA THR A 95 -9.55 24.90 2.60
C THR A 95 -10.28 25.64 1.48
N PHE A 96 -9.56 25.88 0.38
CA PHE A 96 -10.15 26.53 -0.78
C PHE A 96 -10.11 25.65 -2.03
N ASN A 97 -10.88 26.05 -3.04
CA ASN A 97 -10.92 25.33 -4.29
C ASN A 97 -11.10 26.28 -5.48
N LEU A 98 -10.07 26.37 -6.30
CA LEU A 98 -10.11 27.16 -7.53
C LEU A 98 -10.30 26.21 -8.71
N GLN A 99 -11.45 26.33 -9.36
CA GLN A 99 -11.84 25.42 -10.42
C GLN A 99 -12.01 26.19 -11.73
N ALA A 100 -11.12 25.93 -12.68
CA ALA A 100 -11.14 26.58 -13.97
C ALA A 100 -11.62 25.62 -15.07
N PRO A 101 -12.64 26.02 -15.84
CA PRO A 101 -13.09 25.24 -16.99
C PRO A 101 -11.96 25.03 -17.99
N ASN A 102 -11.16 26.07 -18.21
CA ASN A 102 -9.99 26.00 -19.08
C ASN A 102 -8.76 26.55 -18.36
N ALA A 103 -7.86 25.64 -17.98
CA ALA A 103 -6.68 25.98 -17.17
C ALA A 103 -5.72 26.95 -17.83
N ALA A 104 -5.63 26.92 -19.16
CA ALA A 104 -4.74 27.81 -19.90
C ALA A 104 -5.23 29.26 -19.88
N SER A 105 -6.50 29.46 -19.51
CA SER A 105 -7.04 30.80 -19.35
C SER A 105 -7.91 30.98 -18.08
N PRO A 106 -7.28 31.09 -16.89
CA PRO A 106 -8.00 31.51 -15.70
C PRO A 106 -7.37 32.73 -15.05
N ALA A 107 -8.10 33.34 -14.12
CA ALA A 107 -7.65 34.50 -13.37
C ALA A 107 -8.75 34.79 -12.33
N ASP A 108 -8.41 35.45 -11.22
CA ASP A 108 -7.08 35.97 -10.94
C ASP A 108 -6.45 35.33 -9.71
N GLY A 109 -7.29 34.94 -8.76
CA GLY A 109 -6.83 34.30 -7.54
C GLY A 109 -7.65 34.65 -6.32
N LEU A 110 -7.18 34.20 -5.16
CA LEU A 110 -7.81 34.54 -3.89
C LEU A 110 -6.74 34.81 -2.83
N ALA A 111 -7.13 35.55 -1.79
CA ALA A 111 -6.22 35.92 -0.73
C ALA A 111 -6.90 35.94 0.64
N PHE A 112 -6.11 35.64 1.67
CA PHE A 112 -6.51 35.91 3.04
C PHE A 112 -5.93 37.26 3.44
N ALA A 113 -6.79 38.13 3.98
CA ALA A 113 -6.37 39.50 4.24
C ALA A 113 -6.75 40.02 5.61
N LEU A 114 -5.94 40.94 6.11
CA LEU A 114 -6.27 41.74 7.27
C LEU A 114 -6.39 43.17 6.80
N VAL A 115 -7.60 43.73 6.94
CA VAL A 115 -7.89 45.09 6.45
C VAL A 115 -8.43 45.95 7.60
N PRO A 116 -8.37 47.29 7.46
CA PRO A 116 -9.03 48.14 8.47
C PRO A 116 -10.51 47.81 8.56
N VAL A 117 -11.11 48.09 9.72
CA VAL A 117 -12.45 47.57 10.07
C VAL A 117 -13.59 47.85 9.06
N GLY A 118 -13.78 49.09 8.65
CA GLY A 118 -14.84 49.38 7.68
C GLY A 118 -14.35 49.45 6.24
N SER A 119 -13.34 48.64 5.94
CA SER A 119 -12.63 48.73 4.67
C SER A 119 -13.42 48.18 3.48
N GLN A 120 -13.31 48.90 2.37
CA GLN A 120 -14.09 48.63 1.17
C GLN A 120 -13.21 48.06 0.06
N PRO A 121 -13.81 47.30 -0.90
CA PRO A 121 -13.02 46.71 -1.98
C PRO A 121 -12.29 47.75 -2.82
N LYS A 122 -11.14 47.36 -3.38
CA LYS A 122 -10.40 48.25 -4.27
C LYS A 122 -10.46 47.73 -5.71
N ASP A 123 -9.33 47.69 -6.41
CA ASP A 123 -9.34 47.27 -7.81
C ASP A 123 -9.54 45.77 -7.97
N LYS A 124 -10.28 45.40 -9.02
CA LYS A 124 -10.59 44.01 -9.31
C LYS A 124 -9.43 43.34 -10.05
N GLY A 125 -9.73 42.28 -10.80
CA GLY A 125 -8.72 41.58 -11.60
C GLY A 125 -7.49 41.21 -10.80
N GLY A 126 -6.32 41.50 -11.38
CA GLY A 126 -5.03 41.15 -10.79
C GLY A 126 -4.72 41.79 -9.44
N PHE A 127 -5.46 42.84 -9.09
CA PHE A 127 -5.31 43.50 -7.79
C PHE A 127 -6.08 42.79 -6.67
N LEU A 128 -6.85 41.76 -7.05
CA LEU A 128 -7.52 40.85 -6.12
C LEU A 128 -8.53 41.51 -5.17
N GLY A 129 -8.95 42.73 -5.49
CA GLY A 129 -9.90 43.46 -4.66
C GLY A 129 -9.28 44.07 -3.41
N LEU A 130 -7.96 44.08 -3.34
CA LEU A 130 -7.24 44.50 -2.14
C LEU A 130 -6.37 45.73 -2.31
N PHE A 131 -5.91 46.01 -3.53
CA PHE A 131 -4.95 47.09 -3.79
C PHE A 131 -5.31 47.95 -5.00
N ASP A 132 -4.68 49.12 -5.08
CA ASP A 132 -4.87 50.08 -6.18
C ASP A 132 -3.80 49.96 -7.26
N SER A 133 -2.55 49.82 -6.83
CA SER A 133 -1.40 49.77 -7.74
C SER A 133 -0.22 48.94 -7.19
N LYS A 134 0.88 48.95 -7.94
CA LYS A 134 2.08 48.19 -7.58
C LYS A 134 2.99 48.92 -6.59
N ASN A 135 2.93 50.26 -6.57
CA ASN A 135 3.78 51.02 -5.67
C ASN A 135 3.24 51.06 -4.24
N TYR A 136 4.16 51.19 -3.29
CA TYR A 136 3.83 51.17 -1.87
C TYR A 136 2.92 52.33 -1.46
N ALA A 137 1.73 51.98 -0.98
CA ALA A 137 0.78 52.95 -0.44
C ALA A 137 0.41 52.54 0.98
N SER A 138 1.05 53.18 1.96
CA SER A 138 0.90 52.82 3.37
C SER A 138 -0.49 53.05 3.96
N SER A 139 -1.29 53.89 3.30
CA SER A 139 -2.62 54.24 3.79
C SER A 139 -3.68 53.16 3.52
N ASN A 140 -3.30 52.13 2.76
CA ASN A 140 -4.17 50.97 2.56
C ASN A 140 -4.24 50.10 3.80
N GLN A 141 -3.11 50.06 4.54
CA GLN A 141 -2.99 49.29 5.78
C GLN A 141 -3.52 47.86 5.65
N THR A 142 -2.98 47.12 4.69
CA THR A 142 -3.47 45.79 4.37
C THR A 142 -2.33 44.78 4.29
N VAL A 143 -2.45 43.69 5.05
CA VAL A 143 -1.58 42.53 4.93
C VAL A 143 -2.41 41.41 4.31
N ALA A 144 -1.87 40.77 3.28
CA ALA A 144 -2.55 39.67 2.65
C ALA A 144 -1.58 38.57 2.25
N VAL A 145 -2.05 37.32 2.34
CA VAL A 145 -1.35 36.20 1.74
C VAL A 145 -2.15 35.80 0.50
N GLU A 146 -1.54 35.99 -0.66
CA GLU A 146 -2.23 35.75 -1.92
C GLU A 146 -1.91 34.37 -2.49
N PHE A 147 -2.88 33.84 -3.20
CA PHE A 147 -2.72 32.62 -3.97
C PHE A 147 -3.09 33.00 -5.39
N ASP A 148 -2.05 33.27 -6.17
CA ASP A 148 -2.16 34.01 -7.42
C ASP A 148 -2.10 33.09 -8.64
N THR A 149 -3.26 32.94 -9.29
CA THR A 149 -3.45 32.01 -10.41
C THR A 149 -3.01 32.61 -11.75
N PHE A 150 -2.71 33.90 -11.77
CA PHE A 150 -2.49 34.59 -13.05
C PHE A 150 -1.25 35.50 -13.11
N TYR A 151 -0.49 35.32 -14.19
CA TYR A 151 0.76 36.03 -14.45
C TYR A 151 0.48 37.46 -14.89
N ASN A 152 0.55 38.39 -13.95
CA ASN A 152 0.35 39.81 -14.25
C ASN A 152 1.62 40.54 -14.68
N GLY A 153 2.77 39.87 -14.51
CA GLY A 153 4.04 40.31 -15.11
C GLY A 153 4.48 41.71 -14.73
N GLY A 154 3.57 42.67 -14.89
CA GLY A 154 3.79 44.02 -14.41
C GLY A 154 4.41 44.00 -13.03
N TRP A 155 4.17 42.88 -12.32
CA TRP A 155 4.67 42.70 -10.97
C TRP A 155 4.90 41.23 -10.56
N ASP A 156 4.29 40.29 -11.28
CA ASP A 156 4.28 38.88 -10.88
C ASP A 156 5.49 38.06 -11.31
N PRO A 157 5.82 37.00 -10.53
CA PRO A 157 6.75 35.97 -11.00
C PRO A 157 6.12 35.17 -12.14
N THR A 158 6.91 34.36 -12.83
CA THR A 158 6.46 33.70 -14.06
C THR A 158 5.38 32.62 -13.87
N GLU A 159 5.46 31.85 -12.78
CA GLU A 159 4.47 30.81 -12.53
C GLU A 159 3.49 31.15 -11.41
N ARG A 160 2.50 30.29 -11.21
CA ARG A 160 1.53 30.42 -10.12
C ARG A 160 2.29 30.46 -8.80
N HIS A 161 1.85 31.32 -7.89
CA HIS A 161 2.64 31.58 -6.70
C HIS A 161 1.79 31.89 -5.47
N ILE A 162 2.37 31.64 -4.30
CA ILE A 162 1.90 32.20 -3.06
C ILE A 162 2.76 33.42 -2.79
N GLY A 163 2.15 34.53 -2.38
CA GLY A 163 2.89 35.73 -2.07
C GLY A 163 2.41 36.41 -0.80
N ILE A 164 3.32 37.15 -0.16
CA ILE A 164 2.96 38.00 0.97
C ILE A 164 2.89 39.45 0.50
N ASP A 165 1.70 40.04 0.65
CA ASP A 165 1.42 41.39 0.19
C ASP A 165 1.32 42.39 1.33
N VAL A 166 2.20 43.39 1.32
CA VAL A 166 2.19 44.45 2.31
C VAL A 166 1.95 45.80 1.62
N ASN A 167 0.71 46.29 1.71
CA ASN A 167 0.33 47.60 1.14
C ASN A 167 0.58 47.73 -0.38
N SER A 168 0.71 46.59 -1.05
CA SER A 168 1.00 46.54 -2.47
C SER A 168 0.61 45.18 -3.04
N ILE A 169 0.19 45.16 -4.30
CA ILE A 169 -0.06 43.91 -5.03
C ILE A 169 1.27 43.25 -5.43
N LYS A 170 2.34 44.03 -5.37
CA LYS A 170 3.67 43.52 -5.67
C LYS A 170 4.27 42.90 -4.41
N SER A 171 4.11 41.57 -4.29
CA SER A 171 4.52 40.82 -3.10
C SER A 171 5.95 41.12 -2.68
N ILE A 172 6.18 41.18 -1.37
CA ILE A 172 7.53 41.40 -0.84
C ILE A 172 8.36 40.12 -0.89
N LYS A 173 7.66 38.99 -1.03
CA LYS A 173 8.27 37.67 -1.17
C LYS A 173 7.24 36.70 -1.73
N THR A 174 7.69 35.80 -2.62
CA THR A 174 6.81 34.78 -3.19
C THR A 174 7.46 33.39 -3.13
N THR A 175 6.67 32.36 -3.43
CA THR A 175 7.18 31.01 -3.68
C THR A 175 6.31 30.33 -4.73
N SER A 176 6.92 29.41 -5.47
CA SER A 176 6.22 28.64 -6.50
C SER A 176 5.04 27.87 -5.94
N TRP A 177 3.95 27.85 -6.71
CA TRP A 177 2.77 27.10 -6.35
C TRP A 177 2.33 26.24 -7.53
N ASP A 178 2.57 24.94 -7.44
CA ASP A 178 2.09 23.99 -8.44
C ASP A 178 0.58 23.78 -8.25
N PHE A 179 -0.19 24.78 -8.68
CA PHE A 179 -1.65 24.81 -8.55
C PHE A 179 -2.29 23.63 -9.29
N ALA A 180 -3.11 22.88 -8.55
CA ALA A 180 -3.85 21.76 -9.11
C ALA A 180 -5.31 22.15 -9.34
N ASN A 181 -5.68 22.32 -10.60
CA ASN A 181 -7.01 22.81 -10.97
C ASN A 181 -8.15 21.97 -10.39
N GLY A 182 -9.07 22.65 -9.71
CA GLY A 182 -10.26 22.01 -9.13
C GLY A 182 -9.99 21.06 -7.97
N GLU A 183 -8.78 21.15 -7.42
CA GLU A 183 -8.38 20.32 -6.28
C GLU A 183 -8.28 21.15 -5.02
N ASN A 184 -8.74 20.59 -3.90
CA ASN A 184 -8.71 21.29 -2.62
C ASN A 184 -7.31 21.73 -2.22
N ALA A 185 -7.20 22.94 -1.71
CA ALA A 185 -5.95 23.42 -1.13
C ALA A 185 -6.19 23.71 0.34
N GLU A 186 -5.41 23.05 1.21
CA GLU A 186 -5.50 23.28 2.65
C GLU A 186 -4.37 24.21 3.09
N VAL A 187 -4.74 25.39 3.57
CA VAL A 187 -3.80 26.47 3.90
C VAL A 187 -3.66 26.66 5.40
N LEU A 188 -2.43 26.91 5.84
CA LEU A 188 -2.16 27.36 7.19
C LEU A 188 -1.30 28.63 7.16
N ILE A 189 -1.82 29.70 7.76
CA ILE A 189 -1.09 30.94 7.94
C ILE A 189 -0.96 31.25 9.44
N THR A 190 0.27 31.48 9.87
CA THR A 190 0.58 31.75 11.28
C THR A 190 1.41 33.02 11.39
N TYR A 191 1.14 33.80 12.44
CA TYR A 191 1.97 34.95 12.75
C TYR A 191 2.44 34.88 14.21
N ASP A 192 3.75 34.86 14.38
CA ASP A 192 4.36 34.81 15.71
C ASP A 192 4.80 36.21 16.12
N SER A 193 4.27 36.70 17.23
CA SER A 193 4.56 38.05 17.71
C SER A 193 6.01 38.24 18.13
N SER A 194 6.60 37.19 18.69
CA SER A 194 7.95 37.28 19.26
C SER A 194 9.06 37.28 18.21
N THR A 195 8.80 36.67 17.06
CA THR A 195 9.76 36.64 15.95
C THR A 195 9.32 37.53 14.76
N ASN A 196 8.11 38.08 14.85
CA ASN A 196 7.51 38.88 13.77
C ASN A 196 7.40 38.12 12.44
N LEU A 197 7.35 36.80 12.52
CA LEU A 197 7.39 35.97 11.34
C LEU A 197 6.00 35.53 10.88
N LEU A 198 5.68 35.86 9.63
CA LEU A 198 4.48 35.36 8.96
C LEU A 198 4.86 34.15 8.13
N VAL A 199 4.24 33.01 8.44
CA VAL A 199 4.46 31.78 7.67
C VAL A 199 3.15 31.41 6.97
N ALA A 200 3.25 31.01 5.70
CA ALA A 200 2.08 30.53 4.96
C ALA A 200 2.42 29.25 4.25
N SER A 201 1.57 28.24 4.41
CA SER A 201 1.78 26.98 3.74
C SER A 201 0.51 26.50 3.06
N LEU A 202 0.69 25.85 1.91
CA LEU A 202 -0.42 25.26 1.16
C LEU A 202 -0.13 23.80 0.93
N VAL A 203 -1.15 22.97 1.13
CA VAL A 203 -1.07 21.56 0.81
C VAL A 203 -2.20 21.18 -0.16
N HIS A 204 -1.86 20.40 -1.19
CA HIS A 204 -2.84 19.76 -2.06
C HIS A 204 -2.84 18.27 -1.74
N PRO A 205 -3.72 17.85 -0.82
CA PRO A 205 -3.69 16.46 -0.32
C PRO A 205 -3.85 15.40 -1.42
N SER A 206 -4.67 15.68 -2.43
CA SER A 206 -4.90 14.74 -3.53
C SER A 206 -3.63 14.54 -4.37
N GLN A 207 -2.75 15.54 -4.37
CA GLN A 207 -1.49 15.49 -5.12
C GLN A 207 -0.28 15.14 -4.24
N LYS A 208 -0.47 15.19 -2.93
CA LYS A 208 0.62 15.00 -1.96
C LYS A 208 1.71 16.07 -2.09
N THR A 209 1.30 17.26 -2.51
CA THR A 209 2.21 18.37 -2.70
C THR A 209 2.05 19.41 -1.61
N SER A 210 3.13 20.12 -1.31
CA SER A 210 3.12 21.14 -0.27
C SER A 210 4.08 22.28 -0.59
N PHE A 211 3.73 23.48 -0.14
CA PHE A 211 4.48 24.70 -0.46
C PHE A 211 4.49 25.63 0.74
N ILE A 212 5.57 26.39 0.91
CA ILE A 212 5.74 27.22 2.12
C ILE A 212 6.46 28.55 1.86
N VAL A 213 5.97 29.61 2.50
CA VAL A 213 6.52 30.97 2.41
C VAL A 213 6.67 31.54 3.83
N SER A 214 7.78 32.24 4.06
CA SER A 214 8.00 32.89 5.35
C SER A 214 8.75 34.22 5.18
N GLU A 215 8.23 35.25 5.82
CA GLU A 215 8.84 36.57 5.79
C GLU A 215 8.52 37.34 7.07
N ARG A 216 9.47 38.14 7.51
CA ARG A 216 9.31 39.03 8.66
C ARG A 216 8.39 40.19 8.29
N VAL A 217 7.34 40.38 9.08
CA VAL A 217 6.42 41.49 8.90
C VAL A 217 6.17 42.12 10.26
N ASP A 218 6.39 43.42 10.36
CA ASP A 218 6.05 44.15 11.58
C ASP A 218 4.65 44.70 11.42
N LEU A 219 3.71 44.11 12.17
CA LEU A 219 2.29 44.46 12.02
C LEU A 219 1.93 45.81 12.61
N THR A 220 2.69 46.26 13.61
CA THR A 220 2.48 47.57 14.23
C THR A 220 2.83 48.70 13.24
N SER A 221 3.70 48.39 12.28
CA SER A 221 4.06 49.31 11.21
C SER A 221 3.02 49.33 10.09
N VAL A 222 2.33 48.21 9.89
CA VAL A 222 1.49 48.02 8.70
C VAL A 222 -0.01 48.17 8.97
N LEU A 223 -0.48 47.53 10.03
CA LEU A 223 -1.92 47.45 10.30
C LEU A 223 -2.37 48.38 11.42
N PRO A 224 -3.65 48.83 11.36
CA PRO A 224 -4.20 49.50 12.53
C PRO A 224 -4.32 48.51 13.69
N GLU A 225 -4.63 49.02 14.89
CA GLU A 225 -4.76 48.17 16.06
C GLU A 225 -5.88 47.14 15.90
N TRP A 226 -6.98 47.56 15.27
CA TRP A 226 -8.11 46.69 15.00
C TRP A 226 -8.25 46.40 13.51
N VAL A 227 -8.48 45.14 13.17
CA VAL A 227 -8.67 44.73 11.77
C VAL A 227 -9.85 43.79 11.58
N SER A 228 -10.37 43.74 10.36
CA SER A 228 -11.25 42.65 9.95
C SER A 228 -10.42 41.59 9.25
N VAL A 229 -10.68 40.33 9.57
CA VAL A 229 -9.98 39.22 8.93
C VAL A 229 -10.92 38.50 7.97
N GLY A 230 -10.37 38.00 6.86
CA GLY A 230 -11.17 37.27 5.86
C GLY A 230 -10.51 37.10 4.51
N PHE A 231 -11.35 37.12 3.47
CA PHE A 231 -10.94 36.72 2.13
C PHE A 231 -11.34 37.70 1.04
N SER A 232 -10.53 37.76 0.00
CA SER A 232 -10.83 38.54 -1.19
C SER A 232 -10.43 37.74 -2.42
N ALA A 233 -11.25 37.78 -3.46
CA ALA A 233 -10.95 37.06 -4.70
C ALA A 233 -11.57 37.74 -5.91
N THR A 234 -11.00 37.44 -7.08
CA THR A 234 -11.45 38.02 -8.34
C THR A 234 -11.37 37.02 -9.48
N THR A 235 -12.20 37.23 -10.48
CA THR A 235 -12.03 36.54 -11.76
C THR A 235 -11.43 37.50 -12.79
N GLY A 236 -11.13 36.99 -13.98
CA GLY A 236 -10.42 37.75 -15.00
C GLY A 236 -11.12 38.99 -15.54
N LEU A 237 -10.35 39.86 -16.17
CA LEU A 237 -10.91 41.03 -16.85
C LEU A 237 -11.13 40.74 -18.34
N SER A 238 -11.30 39.45 -18.66
CA SER A 238 -11.69 39.04 -20.01
C SER A 238 -12.71 37.90 -19.93
N LYS A 239 -13.65 37.91 -20.86
CA LYS A 239 -14.78 36.97 -20.92
C LYS A 239 -14.42 35.51 -20.61
N GLY A 240 -13.27 35.06 -21.10
CA GLY A 240 -12.89 33.65 -21.05
C GLY A 240 -12.00 33.24 -19.90
N TYR A 241 -11.44 34.22 -19.19
CA TYR A 241 -10.52 33.97 -18.08
C TYR A 241 -11.30 33.83 -16.76
N VAL A 242 -11.87 32.64 -16.59
CA VAL A 242 -12.83 32.39 -15.51
C VAL A 242 -12.39 31.24 -14.59
N GLU A 243 -12.72 31.38 -13.32
CA GLU A 243 -12.50 30.34 -12.31
C GLU A 243 -13.45 30.53 -11.14
N THR A 244 -13.70 29.47 -10.40
CA THR A 244 -14.38 29.60 -9.11
C THR A 244 -13.35 30.03 -8.06
N ASN A 245 -13.81 30.75 -7.04
CA ASN A 245 -12.99 31.08 -5.88
C ASN A 245 -13.75 30.75 -4.60
N GLU A 246 -13.81 29.46 -4.29
CA GLU A 246 -14.62 28.95 -3.18
C GLU A 246 -13.78 28.65 -1.95
N VAL A 247 -14.35 28.93 -0.79
CA VAL A 247 -13.75 28.55 0.50
C VAL A 247 -14.69 27.54 1.16
N LEU A 248 -14.17 26.36 1.47
CA LEU A 248 -14.99 25.25 1.98
C LEU A 248 -15.09 25.23 3.50
N SER A 249 -13.99 25.60 4.16
CA SER A 249 -13.95 25.69 5.61
C SER A 249 -12.93 26.74 6.04
N TRP A 250 -13.09 27.26 7.24
CA TRP A 250 -12.25 28.35 7.74
C TRP A 250 -12.17 28.33 9.26
N SER A 251 -10.95 28.49 9.77
CA SER A 251 -10.69 28.51 11.19
C SER A 251 -9.68 29.62 11.53
N PHE A 252 -9.93 30.32 12.64
CA PHE A 252 -9.10 31.43 13.06
C PHE A 252 -8.94 31.40 14.58
N ALA A 253 -7.76 31.77 15.04
CA ALA A 253 -7.50 31.95 16.47
C ALA A 253 -6.45 33.03 16.69
N SER A 254 -6.66 33.86 17.70
CA SER A 254 -5.74 34.94 18.04
C SER A 254 -5.61 35.15 19.53
N LYS A 255 -4.40 35.53 19.95
CA LYS A 255 -4.09 35.68 21.37
C LYS A 255 -3.31 36.96 21.59
N LEU A 256 -3.90 37.88 22.36
CA LEU A 256 -3.25 39.13 22.71
C LEU A 256 -2.92 39.17 24.20
N SER A 257 -1.63 39.19 24.50
CA SER A 257 -1.15 39.31 25.88
C SER A 257 -1.46 40.67 26.46
N ILE A 258 -1.62 40.75 27.78
CA ILE A 258 -2.04 41.97 28.47
C ILE A 258 -0.96 43.05 28.65
N ASN A 259 0.29 42.66 28.89
CA ASN A 259 1.33 43.66 29.18
C ASN A 259 2.69 43.51 28.49
N LYS A 260 3.02 42.29 28.05
CA LYS A 260 4.31 42.06 27.37
C LYS A 260 4.17 41.53 25.94
N ASN A 265 1.20 30.48 20.78
CA ASN A 265 0.00 29.71 20.46
C ASN A 265 0.33 28.29 20.01
N LYS A 266 -0.29 27.30 20.66
CA LYS A 266 -0.09 25.91 20.30
C LYS A 266 -0.67 25.59 18.93
N LEU A 267 0.21 25.40 17.94
CA LEU A 267 -0.20 25.11 16.58
C LEU A 267 -0.78 23.71 16.50
N ALA A 268 -0.26 22.82 17.33
CA ALA A 268 -0.71 21.43 17.37
C ALA A 268 -2.20 21.32 17.63
N ILE A 269 -2.69 22.05 18.64
CA ILE A 269 -4.09 21.97 19.02
C ILE A 269 -5.00 22.73 18.07
N PHE A 270 -4.51 23.84 17.53
CA PHE A 270 -5.31 24.67 16.63
C PHE A 270 -5.56 24.05 15.26
N ASN A 271 -4.61 23.26 14.77
CA ASN A 271 -4.74 22.70 13.44
C ASN A 271 -5.45 21.36 13.42
N LEU A 272 -6.07 21.01 14.55
CA LEU A 272 -6.99 19.88 14.64
C LEU A 272 -8.41 20.35 14.41
N GLU A 273 -8.66 21.63 14.69
CA GLU A 273 -9.97 22.23 14.47
C GLU A 273 -10.13 22.55 12.99
N GLY A 274 -9.08 23.13 12.41
CA GLY A 274 -9.10 23.63 11.04
C GLY A 274 -9.99 22.86 10.09
N LYS A 275 -9.46 21.75 9.58
CA LYS A 275 -10.14 20.98 8.55
C LYS A 275 -10.49 19.58 9.06
N ALA B 24 10.43 -13.24 -9.58
CA ALA B 24 8.99 -13.01 -9.30
C ALA B 24 8.24 -14.34 -9.33
N ASN B 25 7.44 -14.57 -8.28
CA ASN B 25 6.59 -15.75 -8.21
C ASN B 25 5.36 -15.61 -9.11
N LEU B 26 5.05 -16.70 -9.83
CA LEU B 26 3.94 -16.71 -10.79
C LEU B 26 3.00 -17.88 -10.52
N ILE B 27 1.72 -17.66 -10.79
CA ILE B 27 0.72 -18.73 -10.79
C ILE B 27 -0.37 -18.43 -11.82
N SER B 28 -0.73 -19.45 -12.58
CA SER B 28 -1.80 -19.32 -13.55
C SER B 28 -2.48 -20.66 -13.85
N PHE B 29 -3.70 -20.58 -14.35
CA PHE B 29 -4.42 -21.74 -14.87
C PHE B 29 -5.50 -21.34 -15.86
N THR B 30 -5.91 -22.31 -16.67
CA THR B 30 -7.02 -22.13 -17.60
C THR B 30 -7.89 -23.39 -17.59
N PHE B 31 -9.12 -23.24 -17.12
CA PHE B 31 -10.11 -24.30 -17.22
C PHE B 31 -11.05 -23.99 -18.36
N LYS B 32 -10.88 -24.66 -19.49
CA LYS B 32 -11.88 -24.62 -20.55
C LYS B 32 -13.04 -25.57 -20.23
N LYS B 33 -12.72 -26.63 -19.50
CA LYS B 33 -13.71 -27.52 -18.88
C LYS B 33 -13.35 -27.69 -17.41
N PHE B 34 -14.34 -28.00 -16.57
CA PHE B 34 -14.12 -28.10 -15.13
C PHE B 34 -13.97 -29.52 -14.60
N ASN B 35 -13.35 -29.62 -13.42
CA ASN B 35 -13.11 -30.88 -12.72
C ASN B 35 -13.19 -30.67 -11.22
N GLU B 36 -13.77 -31.63 -10.50
CA GLU B 36 -13.86 -31.56 -9.04
C GLU B 36 -12.49 -31.55 -8.37
N THR B 37 -11.53 -32.21 -9.02
CA THR B 37 -10.27 -32.59 -8.37
C THR B 37 -9.36 -31.41 -8.02
N ASN B 38 -9.42 -30.35 -8.83
CA ASN B 38 -8.66 -29.14 -8.56
C ASN B 38 -9.49 -27.97 -8.02
N LEU B 39 -10.68 -28.28 -7.51
CA LEU B 39 -11.54 -27.25 -6.92
C LEU B 39 -11.92 -27.56 -5.48
N ILE B 40 -12.20 -26.50 -4.72
CA ILE B 40 -12.80 -26.63 -3.40
C ILE B 40 -14.27 -26.26 -3.55
N LEU B 41 -15.13 -27.29 -3.52
CA LEU B 41 -16.57 -27.14 -3.72
C LEU B 41 -17.29 -26.96 -2.39
N GLN B 42 -18.15 -25.95 -2.33
CA GLN B 42 -18.91 -25.68 -1.11
C GLN B 42 -20.41 -25.58 -1.39
N ARG B 43 -21.17 -26.23 -0.51
CA ARG B 43 -22.64 -26.29 -0.58
C ARG B 43 -23.18 -26.95 -1.85
N ASP B 44 -23.96 -26.20 -2.62
CA ASP B 44 -24.65 -26.77 -3.79
C ASP B 44 -23.79 -26.79 -5.06
N ALA B 45 -22.61 -26.20 -5.00
CA ALA B 45 -21.74 -26.09 -6.17
C ALA B 45 -21.31 -27.46 -6.65
N THR B 46 -21.40 -27.68 -7.96
CA THR B 46 -21.15 -28.98 -8.53
C THR B 46 -20.60 -28.86 -9.96
N VAL B 47 -19.80 -29.85 -10.35
CA VAL B 47 -19.33 -29.93 -11.73
C VAL B 47 -20.20 -30.97 -12.46
N SER B 48 -20.84 -30.53 -13.53
CA SER B 48 -21.70 -31.39 -14.35
C SER B 48 -21.36 -31.20 -15.81
N SER B 49 -20.95 -32.29 -16.46
CA SER B 49 -20.56 -32.29 -17.88
C SER B 49 -19.54 -31.19 -18.20
N GLY B 50 -18.53 -31.06 -17.34
CA GLY B 50 -17.46 -30.08 -17.54
C GLY B 50 -17.83 -28.63 -17.24
N LYS B 51 -19.07 -28.43 -16.82
CA LYS B 51 -19.55 -27.09 -16.47
C LYS B 51 -19.65 -26.94 -14.96
N LEU B 52 -19.20 -25.80 -14.46
CA LEU B 52 -19.32 -25.48 -13.05
C LEU B 52 -20.71 -24.91 -12.78
N ARG B 53 -21.56 -25.73 -12.17
CA ARG B 53 -22.94 -25.33 -11.82
C ARG B 53 -22.94 -24.94 -10.35
N ILE B 54 -22.91 -23.65 -10.10
CA ILE B 54 -22.79 -23.13 -8.74
C ILE B 54 -24.03 -23.38 -7.89
N THR B 55 -25.21 -23.23 -8.51
CA THR B 55 -26.47 -23.44 -7.80
C THR B 55 -27.25 -24.61 -8.39
N LYS B 56 -28.17 -25.16 -7.59
CA LYS B 56 -28.87 -26.40 -7.94
C LYS B 56 -29.77 -26.33 -9.16
N ALA B 57 -29.67 -27.35 -10.00
CA ALA B 57 -30.56 -27.56 -11.12
C ALA B 57 -31.13 -28.97 -11.03
N ALA B 58 -32.39 -29.12 -11.40
CA ALA B 58 -33.06 -30.42 -11.42
C ALA B 58 -32.53 -31.32 -12.55
N GLU B 59 -32.93 -32.59 -12.52
CA GLU B 59 -32.52 -33.56 -13.54
C GLU B 59 -33.07 -33.15 -14.91
N ASN B 60 -34.24 -32.53 -14.91
CA ASN B 60 -34.87 -31.99 -16.13
C ASN B 60 -34.27 -30.65 -16.56
N GLY B 61 -33.44 -30.06 -15.70
CA GLY B 61 -32.78 -28.79 -15.99
C GLY B 61 -33.49 -27.58 -15.42
N VAL B 62 -34.28 -27.80 -14.38
CA VAL B 62 -35.01 -26.73 -13.71
C VAL B 62 -34.17 -26.17 -12.56
N PRO B 63 -33.86 -24.87 -12.59
CA PRO B 63 -33.15 -24.27 -11.46
C PRO B 63 -34.02 -24.25 -10.20
N THR B 64 -33.42 -24.59 -9.06
CA THR B 64 -34.13 -24.65 -7.79
C THR B 64 -33.84 -23.40 -6.95
N ALA B 65 -34.83 -22.99 -6.15
CA ALA B 65 -34.68 -21.82 -5.29
C ALA B 65 -33.93 -22.14 -4.00
N GLY B 66 -33.55 -21.10 -3.27
CA GLY B 66 -32.89 -21.24 -1.96
C GLY B 66 -31.52 -21.87 -2.00
N SER B 67 -30.89 -21.81 -3.17
CA SER B 67 -29.60 -22.45 -3.39
C SER B 67 -28.44 -21.50 -3.14
N LEU B 68 -27.34 -22.06 -2.61
CA LEU B 68 -26.07 -21.35 -2.45
C LEU B 68 -24.96 -22.30 -2.87
N GLY B 69 -24.00 -21.79 -3.63
CA GLY B 69 -22.86 -22.59 -4.06
C GLY B 69 -21.59 -21.79 -4.20
N ARG B 70 -20.45 -22.43 -3.91
CA ARG B 70 -19.15 -21.78 -3.98
C ARG B 70 -18.10 -22.73 -4.55
N ALA B 71 -17.17 -22.17 -5.32
CA ALA B 71 -16.05 -22.93 -5.86
C ALA B 71 -14.78 -22.08 -5.81
N PHE B 72 -13.71 -22.65 -5.27
CA PHE B 72 -12.41 -21.99 -5.21
C PHE B 72 -11.31 -22.91 -5.72
N TYR B 73 -10.25 -22.31 -6.26
CA TYR B 73 -9.08 -23.04 -6.71
C TYR B 73 -8.37 -23.66 -5.50
N SER B 74 -7.80 -24.85 -5.70
CA SER B 74 -7.21 -25.63 -4.60
C SER B 74 -5.87 -25.08 -4.09
N THR B 75 -5.25 -24.18 -4.84
CA THR B 75 -4.00 -23.55 -4.41
C THR B 75 -4.23 -22.09 -3.99
N PRO B 76 -3.84 -21.74 -2.75
CA PRO B 76 -3.93 -20.37 -2.25
C PRO B 76 -3.05 -19.41 -3.05
N ILE B 77 -3.53 -18.17 -3.20
CA ILE B 77 -2.79 -17.13 -3.90
C ILE B 77 -2.29 -16.06 -2.91
N GLN B 78 -0.99 -15.76 -2.95
CA GLN B 78 -0.44 -14.67 -2.15
C GLN B 78 -0.73 -13.39 -2.88
N ILE B 79 -1.55 -12.55 -2.26
CA ILE B 79 -2.03 -11.32 -2.85
C ILE B 79 -1.16 -10.12 -2.43
N TRP B 80 -0.53 -10.22 -1.26
CA TRP B 80 0.47 -9.25 -0.83
C TRP B 80 1.45 -9.86 0.17
N ASP B 81 2.63 -9.25 0.28
CA ASP B 81 3.67 -9.72 1.21
C ASP B 81 3.96 -8.65 2.25
N ASN B 82 3.69 -8.99 3.51
CA ASN B 82 3.89 -8.08 4.64
C ASN B 82 5.37 -7.71 4.87
N THR B 83 6.26 -8.70 4.71
CA THR B 83 7.69 -8.50 4.97
C THR B 83 8.40 -7.65 3.93
N THR B 84 7.96 -7.73 2.68
CA THR B 84 8.60 -6.98 1.60
C THR B 84 7.80 -5.73 1.18
N GLY B 85 6.51 -5.73 1.51
CA GLY B 85 5.60 -4.66 1.09
C GLY B 85 5.08 -4.80 -0.35
N THR B 86 5.40 -5.92 -0.99
CA THR B 86 5.01 -6.11 -2.39
C THR B 86 3.56 -6.56 -2.51
N VAL B 87 2.91 -6.09 -3.57
CA VAL B 87 1.52 -6.42 -3.84
C VAL B 87 1.44 -7.13 -5.20
N ALA B 88 0.67 -8.21 -5.26
CA ALA B 88 0.49 -8.95 -6.49
C ALA B 88 -0.38 -8.19 -7.49
N SER B 89 0.00 -8.24 -8.75
CA SER B 89 -0.90 -7.90 -9.83
C SER B 89 -1.57 -9.18 -10.33
N TRP B 90 -2.86 -9.14 -10.57
CA TRP B 90 -3.57 -10.33 -11.00
C TRP B 90 -4.69 -10.04 -11.98
N ALA B 91 -5.06 -11.06 -12.73
CA ALA B 91 -6.14 -10.97 -13.70
C ALA B 91 -6.92 -12.27 -13.74
N THR B 92 -8.21 -12.17 -13.98
CA THR B 92 -9.03 -13.36 -14.17
C THR B 92 -10.06 -13.13 -15.27
N SER B 93 -10.30 -14.17 -16.05
CA SER B 93 -11.33 -14.12 -17.06
C SER B 93 -12.19 -15.37 -16.97
N PHE B 94 -13.49 -15.18 -17.12
CA PHE B 94 -14.42 -16.30 -17.12
C PHE B 94 -15.63 -16.03 -18.00
N THR B 95 -16.27 -17.10 -18.45
CA THR B 95 -17.53 -17.00 -19.16
C THR B 95 -18.60 -17.63 -18.29
N PHE B 96 -19.65 -16.86 -18.01
CA PHE B 96 -20.76 -17.37 -17.22
C PHE B 96 -22.08 -17.28 -17.97
N ASN B 97 -23.10 -17.98 -17.45
CA ASN B 97 -24.41 -17.97 -18.05
C ASN B 97 -25.49 -18.07 -16.98
N LEU B 98 -26.27 -17.00 -16.85
CA LEU B 98 -27.42 -16.97 -15.96
C LEU B 98 -28.68 -17.13 -16.80
N GLN B 99 -29.37 -18.24 -16.57
CA GLN B 99 -30.54 -18.60 -17.36
C GLN B 99 -31.77 -18.67 -16.46
N ALA B 100 -32.70 -17.75 -16.68
CA ALA B 100 -33.94 -17.69 -15.92
C ALA B 100 -35.14 -18.13 -16.76
N PRO B 101 -35.92 -19.10 -16.24
CA PRO B 101 -37.15 -19.51 -16.90
C PRO B 101 -38.10 -18.32 -17.06
N ASN B 102 -38.20 -17.49 -16.02
CA ASN B 102 -39.01 -16.28 -16.06
C ASN B 102 -38.18 -15.08 -15.63
N ALA B 103 -37.86 -14.21 -16.59
CA ALA B 103 -36.95 -13.07 -16.39
C ALA B 103 -37.47 -12.05 -15.38
N ALA B 104 -38.80 -11.90 -15.30
CA ALA B 104 -39.40 -10.95 -14.37
C ALA B 104 -39.26 -11.39 -12.91
N SER B 105 -38.92 -12.66 -12.70
CA SER B 105 -38.68 -13.17 -11.34
C SER B 105 -37.45 -14.11 -11.26
N PRO B 106 -36.22 -13.53 -11.29
CA PRO B 106 -35.03 -14.30 -10.96
C PRO B 106 -34.24 -13.67 -9.82
N ALA B 107 -33.31 -14.43 -9.27
CA ALA B 107 -32.43 -13.98 -8.21
C ALA B 107 -31.43 -15.11 -7.97
N ASP B 108 -30.24 -14.83 -7.44
CA ASP B 108 -29.84 -13.49 -6.99
C ASP B 108 -28.64 -12.94 -7.74
N GLY B 109 -27.79 -13.85 -8.23
CA GLY B 109 -26.62 -13.46 -9.00
C GLY B 109 -25.40 -14.32 -8.71
N LEU B 110 -24.28 -13.94 -9.29
CA LEU B 110 -23.02 -14.61 -9.04
C LEU B 110 -21.89 -13.60 -8.90
N ALA B 111 -20.81 -14.00 -8.21
CA ALA B 111 -19.67 -13.14 -8.00
C ALA B 111 -18.34 -13.88 -8.10
N PHE B 112 -17.30 -13.17 -8.52
CA PHE B 112 -15.92 -13.62 -8.36
C PHE B 112 -15.38 -13.03 -7.06
N ALA B 113 -14.79 -13.87 -6.22
CA ALA B 113 -14.39 -13.44 -4.88
C ALA B 113 -12.99 -13.86 -4.47
N LEU B 114 -12.38 -13.04 -3.62
CA LEU B 114 -11.16 -13.40 -2.93
C LEU B 114 -11.50 -13.48 -1.46
N VAL B 115 -11.34 -14.66 -0.87
CA VAL B 115 -11.72 -14.90 0.52
C VAL B 115 -10.53 -15.46 1.30
N PRO B 116 -10.54 -15.34 2.65
CA PRO B 116 -9.48 -16.03 3.42
C PRO B 116 -9.50 -17.54 3.14
N VAL B 117 -8.35 -18.18 3.32
CA VAL B 117 -8.12 -19.54 2.81
C VAL B 117 -9.17 -20.60 3.21
N GLY B 118 -9.44 -20.75 4.50
CA GLY B 118 -10.43 -21.75 4.93
C GLY B 118 -11.83 -21.18 5.10
N SER B 119 -12.16 -20.18 4.30
CA SER B 119 -13.39 -19.41 4.47
C SER B 119 -14.65 -20.16 4.07
N GLN B 120 -15.69 -19.98 4.89
CA GLN B 120 -16.95 -20.70 4.75
C GLN B 120 -18.06 -19.78 4.25
N PRO B 121 -19.11 -20.35 3.60
CA PRO B 121 -20.21 -19.52 3.07
C PRO B 121 -20.92 -18.72 4.16
N LYS B 122 -21.47 -17.57 3.79
CA LYS B 122 -22.22 -16.75 4.73
C LYS B 122 -23.71 -16.76 4.34
N ASP B 123 -24.36 -15.59 4.34
CA ASP B 123 -25.79 -15.54 4.05
C ASP B 123 -26.11 -15.79 2.58
N LYS B 124 -27.23 -16.46 2.34
CA LYS B 124 -27.65 -16.82 0.98
C LYS B 124 -28.40 -15.64 0.34
N GLY B 125 -29.25 -15.93 -0.64
CA GLY B 125 -30.06 -14.92 -1.30
C GLY B 125 -29.24 -13.73 -1.79
N GLY B 126 -29.74 -12.53 -1.50
CA GLY B 126 -29.12 -11.27 -1.92
C GLY B 126 -27.70 -11.02 -1.42
N PHE B 127 -27.29 -11.75 -0.38
CA PHE B 127 -25.93 -11.65 0.14
C PHE B 127 -24.92 -12.50 -0.63
N LEU B 128 -25.43 -13.28 -1.57
CA LEU B 128 -24.62 -14.02 -2.56
C LEU B 128 -23.66 -15.05 -1.96
N GLY B 129 -23.89 -15.42 -0.71
CA GLY B 129 -23.04 -16.38 -0.02
C GLY B 129 -21.71 -15.81 0.46
N LEU B 130 -21.59 -14.49 0.40
CA LEU B 130 -20.31 -13.83 0.68
C LEU B 130 -20.33 -12.90 1.90
N PHE B 131 -21.50 -12.38 2.26
CA PHE B 131 -21.60 -11.37 3.33
C PHE B 131 -22.74 -11.62 4.32
N ASP B 132 -22.67 -10.96 5.47
CA ASP B 132 -23.68 -11.07 6.54
C ASP B 132 -24.72 -9.95 6.48
N SER B 133 -24.26 -8.73 6.23
CA SER B 133 -25.12 -7.53 6.23
C SER B 133 -24.59 -6.43 5.32
N LYS B 134 -25.27 -5.27 5.36
CA LYS B 134 -24.94 -4.12 4.53
C LYS B 134 -23.83 -3.25 5.13
N ASN B 135 -23.71 -3.26 6.45
CA ASN B 135 -22.69 -2.43 7.10
C ASN B 135 -21.29 -3.05 7.04
N TYR B 136 -20.28 -2.18 7.04
CA TYR B 136 -18.89 -2.58 6.89
C TYR B 136 -18.42 -3.47 8.04
N ALA B 137 -18.06 -4.70 7.71
CA ALA B 137 -17.45 -5.63 8.66
C ALA B 137 -16.10 -6.09 8.12
N SER B 138 -15.04 -5.48 8.64
CA SER B 138 -13.67 -5.71 8.15
C SER B 138 -13.14 -7.13 8.39
N SER B 139 -13.75 -7.86 9.32
CA SER B 139 -13.29 -9.20 9.67
C SER B 139 -13.69 -10.28 8.66
N ASN B 140 -14.55 -9.92 7.70
CA ASN B 140 -14.90 -10.80 6.58
C ASN B 140 -13.75 -10.94 5.59
N GLN B 141 -12.95 -9.88 5.48
CA GLN B 141 -11.77 -9.83 4.59
C GLN B 141 -12.06 -10.40 3.20
N THR B 142 -13.07 -9.84 2.53
CA THR B 142 -13.53 -10.34 1.25
C THR B 142 -13.65 -9.23 0.20
N VAL B 143 -12.99 -9.41 -0.93
CA VAL B 143 -13.19 -8.58 -2.11
C VAL B 143 -13.94 -9.42 -3.12
N ALA B 144 -14.98 -8.84 -3.73
CA ALA B 144 -15.77 -9.54 -4.72
C ALA B 144 -16.22 -8.59 -5.81
N VAL B 145 -16.29 -9.10 -7.04
CA VAL B 145 -16.94 -8.40 -8.13
C VAL B 145 -18.23 -9.14 -8.37
N GLU B 146 -19.35 -8.48 -8.11
CA GLU B 146 -20.66 -9.12 -8.21
C GLU B 146 -21.33 -8.82 -9.54
N PHE B 147 -22.15 -9.77 -9.96
CA PHE B 147 -23.01 -9.59 -11.12
C PHE B 147 -24.40 -9.88 -10.59
N ASP B 148 -25.10 -8.79 -10.29
CA ASP B 148 -26.28 -8.81 -9.44
C ASP B 148 -27.57 -8.72 -10.26
N THR B 149 -28.29 -9.85 -10.32
CA THR B 149 -29.51 -10.01 -11.12
C THR B 149 -30.77 -9.49 -10.41
N PHE B 150 -30.67 -9.15 -9.13
CA PHE B 150 -31.86 -8.84 -8.34
C PHE B 150 -31.77 -7.56 -7.50
N TYR B 151 -32.80 -6.74 -7.62
CA TYR B 151 -32.93 -5.47 -6.92
C TYR B 151 -33.27 -5.70 -5.44
N ASN B 152 -32.25 -5.62 -4.59
CA ASN B 152 -32.43 -5.77 -3.15
C ASN B 152 -32.76 -4.46 -2.45
N GLY B 153 -32.59 -3.35 -3.17
CA GLY B 153 -33.06 -2.04 -2.72
C GLY B 153 -32.51 -1.58 -1.38
N GLY B 154 -32.62 -2.45 -0.37
CA GLY B 154 -32.01 -2.22 0.93
C GLY B 154 -30.63 -1.64 0.75
N TRP B 155 -30.03 -1.96 -0.40
CA TRP B 155 -28.67 -1.54 -0.72
C TRP B 155 -28.38 -1.39 -2.23
N ASP B 156 -29.23 -1.97 -3.07
CA ASP B 156 -28.96 -2.06 -4.51
C ASP B 156 -29.41 -0.86 -5.34
N PRO B 157 -28.73 -0.60 -6.48
CA PRO B 157 -29.24 0.32 -7.50
C PRO B 157 -30.48 -0.28 -8.17
N THR B 158 -31.20 0.53 -8.94
CA THR B 158 -32.51 0.12 -9.48
C THR B 158 -32.46 -1.02 -10.51
N GLU B 159 -31.47 -1.00 -11.40
CA GLU B 159 -31.37 -2.03 -12.43
C GLU B 159 -30.25 -3.06 -12.15
N ARG B 160 -30.19 -4.09 -12.99
CA ARG B 160 -29.14 -5.09 -12.92
C ARG B 160 -27.77 -4.40 -13.03
N HIS B 161 -26.83 -4.84 -12.21
CA HIS B 161 -25.57 -4.12 -12.08
C HIS B 161 -24.35 -5.03 -11.85
N ILE B 162 -23.19 -4.50 -12.23
CA ILE B 162 -21.92 -5.05 -11.79
C ILE B 162 -21.48 -4.16 -10.64
N GLY B 163 -21.03 -4.77 -9.55
CA GLY B 163 -20.56 -4.00 -8.41
C GLY B 163 -19.26 -4.52 -7.83
N ILE B 164 -18.51 -3.63 -7.18
CA ILE B 164 -17.32 -4.00 -6.42
C ILE B 164 -17.68 -4.01 -4.94
N ASP B 165 -17.50 -5.16 -4.31
CA ASP B 165 -17.87 -5.38 -2.92
C ASP B 165 -16.63 -5.50 -2.04
N VAL B 166 -16.52 -4.61 -1.06
CA VAL B 166 -15.44 -4.64 -0.08
C VAL B 166 -16.01 -4.81 1.34
N ASN B 167 -15.92 -6.03 1.86
CA ASN B 167 -16.39 -6.35 3.22
C ASN B 167 -17.88 -6.03 3.47
N SER B 168 -18.63 -5.87 2.38
CA SER B 168 -20.04 -5.51 2.45
C SER B 168 -20.75 -5.92 1.17
N ILE B 169 -22.03 -6.30 1.28
CA ILE B 169 -22.88 -6.53 0.12
C ILE B 169 -23.29 -5.22 -0.55
N LYS B 170 -23.10 -4.11 0.16
CA LYS B 170 -23.40 -2.78 -0.36
C LYS B 170 -22.18 -2.26 -1.13
N SER B 171 -22.20 -2.46 -2.44
CA SER B 171 -21.07 -2.14 -3.32
C SER B 171 -20.54 -0.73 -3.10
N ILE B 172 -19.22 -0.58 -3.14
CA ILE B 172 -18.59 0.74 -3.03
C ILE B 172 -18.73 1.54 -4.33
N LYS B 173 -19.01 0.82 -5.42
CA LYS B 173 -19.25 1.41 -6.74
C LYS B 173 -19.95 0.38 -7.62
N THR B 174 -20.89 0.84 -8.44
CA THR B 174 -21.60 -0.04 -9.38
C THR B 174 -21.63 0.55 -10.79
N THR B 175 -22.07 -0.26 -11.76
CA THR B 175 -22.41 0.23 -13.10
C THR B 175 -23.54 -0.61 -13.67
N SER B 176 -24.35 0.00 -14.53
CA SER B 176 -25.47 -0.67 -15.19
C SER B 176 -25.04 -1.91 -15.95
N TRP B 177 -25.86 -2.94 -15.87
CA TRP B 177 -25.63 -4.18 -16.61
C TRP B 177 -26.90 -4.58 -17.33
N ASP B 178 -26.91 -4.41 -18.65
CA ASP B 178 -28.03 -4.84 -19.48
C ASP B 178 -27.95 -6.35 -19.66
N PHE B 179 -28.30 -7.07 -18.59
CA PHE B 179 -28.25 -8.53 -18.53
C PHE B 179 -29.12 -9.17 -19.60
N ALA B 180 -28.51 -10.05 -20.39
CA ALA B 180 -29.20 -10.79 -21.43
C ALA B 180 -29.44 -12.23 -20.95
N ASN B 181 -30.71 -12.53 -20.68
CA ASN B 181 -31.11 -13.83 -20.10
C ASN B 181 -30.65 -15.01 -20.96
N GLY B 182 -29.95 -15.95 -20.30
CA GLY B 182 -29.48 -17.19 -20.94
C GLY B 182 -28.42 -16.99 -21.99
N GLU B 183 -27.79 -15.82 -21.99
CA GLU B 183 -26.73 -15.51 -22.95
C GLU B 183 -25.38 -15.44 -22.24
N ASN B 184 -24.35 -15.99 -22.86
CA ASN B 184 -23.00 -16.01 -22.29
C ASN B 184 -22.49 -14.61 -21.97
N ALA B 185 -21.89 -14.46 -20.79
CA ALA B 185 -21.20 -13.24 -20.43
C ALA B 185 -19.72 -13.53 -20.24
N GLU B 186 -18.88 -12.83 -21.02
CA GLU B 186 -17.44 -12.98 -20.92
C GLU B 186 -16.85 -11.85 -20.08
N VAL B 187 -16.28 -12.21 -18.94
CA VAL B 187 -15.82 -11.26 -17.94
C VAL B 187 -14.29 -11.18 -17.88
N LEU B 188 -13.79 -9.96 -17.68
CA LEU B 188 -12.37 -9.76 -17.38
C LEU B 188 -12.23 -8.86 -16.15
N ILE B 189 -11.56 -9.38 -15.14
CA ILE B 189 -11.23 -8.62 -13.93
C ILE B 189 -9.71 -8.57 -13.78
N THR B 190 -9.20 -7.35 -13.64
CA THR B 190 -7.76 -7.11 -13.50
C THR B 190 -7.49 -6.23 -12.28
N TYR B 191 -6.39 -6.52 -11.59
CA TYR B 191 -5.94 -5.68 -10.50
C TYR B 191 -4.48 -5.28 -10.70
N ASP B 192 -4.24 -3.98 -10.79
CA ASP B 192 -2.90 -3.45 -10.98
C ASP B 192 -2.34 -2.98 -9.65
N SER B 193 -1.22 -3.57 -9.24
CA SER B 193 -0.59 -3.26 -7.95
C SER B 193 -0.10 -1.82 -7.86
N SER B 194 0.42 -1.30 -8.98
CA SER B 194 1.05 0.03 -8.99
C SER B 194 0.05 1.19 -8.92
N THR B 195 -1.16 0.98 -9.42
CA THR B 195 -2.22 2.00 -9.37
C THR B 195 -3.34 1.65 -8.37
N ASN B 196 -3.27 0.44 -7.79
CA ASN B 196 -4.29 -0.09 -6.89
C ASN B 196 -5.70 -0.17 -7.51
N LEU B 197 -5.74 -0.24 -8.83
CA LEU B 197 -6.99 -0.17 -9.57
C LEU B 197 -7.54 -1.56 -9.91
N LEU B 198 -8.77 -1.80 -9.46
CA LEU B 198 -9.52 -2.98 -9.85
C LEU B 198 -10.46 -2.60 -10.99
N VAL B 199 -10.32 -3.28 -12.12
CA VAL B 199 -11.19 -3.04 -13.27
C VAL B 199 -11.97 -4.32 -13.54
N ALA B 200 -13.26 -4.17 -13.82
CA ALA B 200 -14.08 -5.32 -14.18
C ALA B 200 -14.89 -4.98 -15.42
N SER B 201 -14.88 -5.88 -16.40
CA SER B 201 -15.65 -5.66 -17.61
C SER B 201 -16.44 -6.92 -17.98
N LEU B 202 -17.62 -6.70 -18.56
CA LEU B 202 -18.47 -7.78 -19.01
C LEU B 202 -18.84 -7.53 -20.45
N VAL B 203 -18.77 -8.58 -21.26
CA VAL B 203 -19.22 -8.53 -22.64
C VAL B 203 -20.27 -9.61 -22.87
N HIS B 204 -21.36 -9.24 -23.54
CA HIS B 204 -22.33 -10.20 -24.09
C HIS B 204 -22.13 -10.26 -25.62
N PRO B 205 -21.29 -11.20 -26.09
CA PRO B 205 -20.92 -11.25 -27.51
C PRO B 205 -22.12 -11.40 -28.45
N SER B 206 -23.13 -12.16 -28.05
CA SER B 206 -24.33 -12.34 -28.88
C SER B 206 -25.13 -11.04 -29.03
N GLN B 207 -24.98 -10.13 -28.08
CA GLN B 207 -25.68 -8.84 -28.10
C GLN B 207 -24.79 -7.69 -28.58
N LYS B 208 -23.48 -7.95 -28.66
CA LYS B 208 -22.48 -6.91 -28.96
C LYS B 208 -22.49 -5.78 -27.93
N THR B 209 -22.80 -6.14 -26.68
CA THR B 209 -22.85 -5.17 -25.59
C THR B 209 -21.65 -5.37 -24.66
N SER B 210 -21.26 -4.28 -24.00
CA SER B 210 -20.12 -4.29 -23.09
C SER B 210 -20.32 -3.30 -21.95
N PHE B 211 -19.74 -3.62 -20.80
CA PHE B 211 -19.92 -2.81 -19.59
C PHE B 211 -18.64 -2.84 -18.78
N ILE B 212 -18.34 -1.75 -18.07
CA ILE B 212 -17.06 -1.63 -17.37
C ILE B 212 -17.15 -0.84 -16.04
N VAL B 213 -16.43 -1.32 -15.03
CA VAL B 213 -16.38 -0.72 -13.70
C VAL B 213 -14.92 -0.62 -13.27
N SER B 214 -14.57 0.47 -12.60
CA SER B 214 -13.21 0.65 -12.08
C SER B 214 -13.23 1.43 -10.79
N GLU B 215 -12.51 0.92 -9.79
CA GLU B 215 -12.38 1.58 -8.49
C GLU B 215 -11.06 1.23 -7.84
N ARG B 216 -10.51 2.18 -7.10
CA ARG B 216 -9.29 1.98 -6.33
C ARG B 216 -9.59 1.12 -5.11
N VAL B 217 -8.83 0.04 -4.95
CA VAL B 217 -8.96 -0.84 -3.79
C VAL B 217 -7.56 -1.15 -3.29
N ASP B 218 -7.32 -0.88 -2.01
CA ASP B 218 -6.05 -1.26 -1.38
C ASP B 218 -6.22 -2.63 -0.75
N LEU B 219 -5.60 -3.64 -1.37
CA LEU B 219 -5.79 -5.02 -0.97
C LEU B 219 -5.08 -5.38 0.33
N THR B 220 -4.00 -4.66 0.65
CA THR B 220 -3.29 -4.85 1.91
C THR B 220 -4.15 -4.42 3.10
N SER B 221 -5.08 -3.51 2.86
CA SER B 221 -6.06 -3.06 3.86
C SER B 221 -7.20 -4.04 4.02
N VAL B 222 -7.54 -4.76 2.95
CA VAL B 222 -8.77 -5.55 2.89
C VAL B 222 -8.55 -7.05 3.09
N LEU B 223 -7.59 -7.61 2.36
CA LEU B 223 -7.41 -9.05 2.30
C LEU B 223 -6.23 -9.53 3.14
N PRO B 224 -6.30 -10.79 3.63
CA PRO B 224 -5.09 -11.38 4.23
C PRO B 224 -4.04 -11.59 3.15
N GLU B 225 -2.82 -11.92 3.55
CA GLU B 225 -1.74 -12.16 2.60
C GLU B 225 -2.06 -13.30 1.63
N TRP B 226 -2.72 -14.33 2.14
CA TRP B 226 -3.10 -15.49 1.32
C TRP B 226 -4.62 -15.57 1.19
N VAL B 227 -5.09 -15.82 -0.03
CA VAL B 227 -6.52 -15.96 -0.29
C VAL B 227 -6.84 -17.16 -1.18
N SER B 228 -8.09 -17.61 -1.12
CA SER B 228 -8.63 -18.51 -2.12
C SER B 228 -9.39 -17.67 -3.13
N VAL B 229 -9.20 -17.98 -4.42
CA VAL B 229 -9.93 -17.28 -5.48
C VAL B 229 -10.99 -18.19 -6.08
N GLY B 230 -12.11 -17.60 -6.50
CA GLY B 230 -13.20 -18.38 -7.08
C GLY B 230 -14.53 -17.67 -7.15
N PHE B 231 -15.61 -18.45 -7.02
CA PHE B 231 -16.95 -17.96 -7.30
C PHE B 231 -17.94 -18.27 -6.21
N SER B 232 -18.98 -17.44 -6.12
CA SER B 232 -20.08 -17.65 -5.19
C SER B 232 -21.36 -17.20 -5.88
N ALA B 233 -22.43 -17.98 -5.73
CA ALA B 233 -23.71 -17.63 -6.33
C ALA B 233 -24.88 -18.15 -5.52
N THR B 234 -26.05 -17.55 -5.73
CA THR B 234 -27.27 -17.92 -5.01
C THR B 234 -28.50 -17.80 -5.91
N THR B 235 -29.53 -18.58 -5.59
CA THR B 235 -30.84 -18.37 -6.18
C THR B 235 -31.73 -17.69 -5.15
N GLY B 236 -32.94 -17.33 -5.56
CA GLY B 236 -33.85 -16.54 -4.72
C GLY B 236 -34.31 -17.20 -3.43
N LEU B 237 -34.82 -16.36 -2.52
CA LEU B 237 -35.42 -16.85 -1.29
C LEU B 237 -36.95 -16.99 -1.43
N SER B 238 -37.40 -17.18 -2.67
CA SER B 238 -38.79 -17.52 -2.94
C SER B 238 -38.87 -18.56 -4.05
N LYS B 239 -39.84 -19.47 -3.92
CA LYS B 239 -40.06 -20.61 -4.81
C LYS B 239 -39.85 -20.31 -6.30
N GLY B 240 -40.32 -19.15 -6.74
CA GLY B 240 -40.38 -18.84 -8.17
C GLY B 240 -39.23 -17.99 -8.70
N TYR B 241 -38.41 -17.46 -7.81
CA TYR B 241 -37.28 -16.61 -8.20
C TYR B 241 -36.02 -17.45 -8.44
N VAL B 242 -35.97 -18.06 -9.62
CA VAL B 242 -34.98 -19.08 -9.94
C VAL B 242 -34.17 -18.76 -11.19
N GLU B 243 -32.89 -19.12 -11.14
CA GLU B 243 -31.99 -18.99 -12.29
C GLU B 243 -30.85 -20.00 -12.16
N THR B 244 -30.23 -20.35 -13.28
CA THR B 244 -28.96 -21.07 -13.23
C THR B 244 -27.84 -20.09 -12.93
N ASN B 245 -26.77 -20.58 -12.33
CA ASN B 245 -25.55 -19.78 -12.12
C ASN B 245 -24.35 -20.63 -12.54
N GLU B 246 -24.15 -20.73 -13.84
CA GLU B 246 -23.14 -21.62 -14.41
C GLU B 246 -21.89 -20.85 -14.84
N VAL B 247 -20.73 -21.48 -14.67
CA VAL B 247 -19.47 -20.95 -15.19
C VAL B 247 -18.94 -21.94 -16.22
N LEU B 248 -18.72 -21.47 -17.44
CA LEU B 248 -18.37 -22.34 -18.56
C LEU B 248 -16.86 -22.53 -18.70
N SER B 249 -16.12 -21.45 -18.44
CA SER B 249 -14.66 -21.48 -18.49
C SER B 249 -14.10 -20.48 -17.50
N TRP B 250 -12.85 -20.68 -17.10
CA TRP B 250 -12.22 -19.84 -16.10
C TRP B 250 -10.70 -19.84 -16.24
N SER B 251 -10.12 -18.64 -16.19
CA SER B 251 -8.69 -18.45 -16.32
C SER B 251 -8.21 -17.44 -15.27
N PHE B 252 -7.07 -17.73 -14.65
CA PHE B 252 -6.50 -16.86 -13.62
C PHE B 252 -4.99 -16.78 -13.79
N ALA B 253 -4.42 -15.61 -13.51
CA ALA B 253 -2.98 -15.42 -13.47
C ALA B 253 -2.62 -14.35 -12.44
N SER B 254 -1.54 -14.59 -11.71
CA SER B 254 -1.06 -13.64 -10.71
C SER B 254 0.45 -13.59 -10.64
N LYS B 255 0.96 -12.40 -10.35
CA LYS B 255 2.40 -12.15 -10.35
C LYS B 255 2.78 -11.33 -9.11
N LEU B 256 3.59 -11.94 -8.25
CA LEU B 256 4.10 -11.27 -7.06
C LEU B 256 5.61 -11.02 -7.17
N SER B 257 5.97 -9.75 -7.23
CA SER B 257 7.37 -9.33 -7.26
C SER B 257 8.06 -9.62 -5.92
N ILE B 258 9.38 -9.87 -5.98
CA ILE B 258 10.15 -10.28 -4.80
C ILE B 258 10.50 -9.17 -3.79
N ASN B 259 10.79 -7.97 -4.29
CA ASN B 259 11.25 -6.87 -3.42
C ASN B 259 10.64 -5.51 -3.74
N LYS B 260 10.41 -5.26 -5.03
CA LYS B 260 9.93 -3.96 -5.51
C LYS B 260 8.44 -3.75 -5.24
N ASN B 265 0.94 -6.76 -15.60
CA ASN B 265 0.50 -8.05 -16.12
C ASN B 265 0.23 -7.99 -17.64
N LYS B 266 0.92 -8.82 -18.39
CA LYS B 266 0.77 -8.87 -19.84
C LYS B 266 -0.65 -9.28 -20.21
N LEU B 267 -1.51 -8.29 -20.46
CA LEU B 267 -2.92 -8.55 -20.72
C LEU B 267 -3.19 -9.01 -22.16
N ALA B 268 -2.33 -8.59 -23.08
CA ALA B 268 -2.43 -9.05 -24.46
C ALA B 268 -2.46 -10.58 -24.50
N ILE B 269 -1.38 -11.21 -24.05
CA ILE B 269 -1.24 -12.66 -24.12
C ILE B 269 -2.15 -13.40 -23.13
N PHE B 270 -2.54 -12.71 -22.05
CA PHE B 270 -3.35 -13.34 -21.02
C PHE B 270 -4.75 -13.72 -21.48
N ASN B 271 -5.42 -12.82 -22.19
CA ASN B 271 -6.81 -13.03 -22.57
C ASN B 271 -7.00 -13.94 -23.78
N LEU B 272 -5.91 -14.23 -24.48
CA LEU B 272 -5.90 -15.26 -25.51
C LEU B 272 -6.03 -16.61 -24.85
N GLU B 273 -5.08 -16.94 -23.99
CA GLU B 273 -5.15 -18.14 -23.19
C GLU B 273 -6.44 -18.05 -22.39
N GLY B 274 -6.56 -16.97 -21.63
CA GLY B 274 -7.78 -16.68 -20.91
C GLY B 274 -9.00 -16.97 -21.77
N LYS B 275 -9.57 -15.92 -22.35
CA LYS B 275 -10.80 -16.03 -23.12
C LYS B 275 -10.50 -16.16 -24.62
N ALA C 24 -15.64 11.72 20.85
CA ALA C 24 -14.26 11.59 20.33
C ALA C 24 -13.24 11.72 21.47
N ASN C 25 -12.32 10.77 21.55
CA ASN C 25 -11.26 10.80 22.54
C ASN C 25 -10.17 11.79 22.15
N LEU C 26 -9.72 12.58 23.12
CA LEU C 26 -8.72 13.63 22.90
C LEU C 26 -7.54 13.49 23.85
N ILE C 27 -6.36 13.85 23.36
CA ILE C 27 -5.17 13.97 24.19
C ILE C 27 -4.28 15.09 23.66
N SER C 28 -3.79 15.93 24.57
CA SER C 28 -2.86 16.98 24.21
C SER C 28 -1.95 17.38 25.36
N PHE C 29 -0.81 17.99 25.03
CA PHE C 29 0.06 18.60 26.02
C PHE C 29 0.96 19.66 25.40
N THR C 30 1.48 20.55 26.24
CA THR C 30 2.43 21.56 25.84
C THR C 30 3.53 21.67 26.89
N PHE C 31 4.75 21.30 26.51
CA PHE C 31 5.92 21.52 27.34
C PHE C 31 6.68 22.73 26.82
N LYS C 32 6.54 23.87 27.51
CA LYS C 32 7.39 25.02 27.23
C LYS C 32 8.74 24.84 27.93
N LYS C 33 8.72 24.11 29.05
CA LYS C 33 9.93 23.61 29.71
C LYS C 33 9.75 22.12 29.99
N PHE C 34 10.86 21.39 30.11
CA PHE C 34 10.80 19.94 30.25
C PHE C 34 11.01 19.43 31.66
N ASN C 35 10.51 18.21 31.91
CA ASN C 35 10.61 17.53 33.19
C ASN C 35 10.79 16.03 32.98
N GLU C 36 11.63 15.41 33.81
CA GLU C 36 11.83 13.96 33.75
C GLU C 36 10.56 13.17 34.04
N THR C 37 9.70 13.73 34.87
CA THR C 37 8.61 12.99 35.52
C THR C 37 7.50 12.55 34.55
N ASN C 38 7.28 13.31 33.49
CA ASN C 38 6.29 12.94 32.47
C ASN C 38 6.92 12.45 31.15
N LEU C 39 8.18 12.05 31.22
CA LEU C 39 8.88 11.51 30.05
C LEU C 39 9.46 10.12 30.29
N ILE C 40 9.59 9.35 29.21
CA ILE C 40 10.32 8.10 29.23
C ILE C 40 11.68 8.36 28.57
N LEU C 41 12.71 8.44 29.39
CA LEU C 41 14.06 8.77 28.95
C LEU C 41 14.84 7.51 28.64
N GLN C 42 15.48 7.49 27.47
CA GLN C 42 16.28 6.33 27.06
C GLN C 42 17.70 6.73 26.67
N ARG C 43 18.66 5.94 27.16
CA ARG C 43 20.09 6.13 26.91
C ARG C 43 20.65 7.46 27.43
N ASP C 44 21.17 8.29 26.52
CA ASP C 44 21.85 9.53 26.91
C ASP C 44 20.90 10.72 27.10
N ALA C 45 19.63 10.55 26.73
CA ALA C 45 18.65 11.63 26.81
C ALA C 45 18.47 12.10 28.23
N THR C 46 18.46 13.41 28.40
CA THR C 46 18.44 14.01 29.72
C THR C 46 17.74 15.37 29.71
N VAL C 47 17.13 15.73 30.83
CA VAL C 47 16.57 17.07 31.00
C VAL C 47 17.57 17.89 31.83
N SER C 48 17.98 19.02 31.26
CA SER C 48 18.92 19.93 31.91
C SER C 48 18.43 21.36 31.77
N SER C 49 18.21 22.01 32.90
CA SER C 49 17.67 23.37 32.96
C SER C 49 16.42 23.56 32.09
N GLY C 50 15.50 22.61 32.19
CA GLY C 50 14.24 22.67 31.45
C GLY C 50 14.34 22.39 29.97
N LYS C 51 15.53 22.04 29.51
CA LYS C 51 15.76 21.71 28.11
C LYS C 51 15.97 20.22 27.95
N LEU C 52 15.35 19.65 26.92
CA LEU C 52 15.53 18.24 26.61
C LEU C 52 16.78 18.07 25.77
N ARG C 53 17.85 17.58 26.42
CA ARG C 53 19.13 17.34 25.76
C ARG C 53 19.19 15.86 25.39
N ILE C 54 18.91 15.56 24.13
CA ILE C 54 18.81 14.18 23.66
C ILE C 54 20.16 13.46 23.66
N THR C 55 21.22 14.16 23.27
CA THR C 55 22.55 13.58 23.24
C THR C 55 23.50 14.28 24.20
N LYS C 56 24.56 13.57 24.59
CA LYS C 56 25.48 14.03 25.64
C LYS C 56 26.21 15.34 25.35
N ALA C 57 26.26 16.19 26.38
CA ALA C 57 27.06 17.39 26.37
C ALA C 57 27.90 17.42 27.64
N ALA C 58 29.14 17.89 27.52
CA ALA C 58 30.06 18.01 28.66
C ALA C 58 29.62 19.11 29.62
N GLU C 59 30.26 19.13 30.79
CA GLU C 59 29.99 20.16 31.81
C GLU C 59 30.31 21.55 31.27
N ASN C 60 31.33 21.64 30.42
CA ASN C 60 31.71 22.89 29.75
C ASN C 60 30.83 23.22 28.55
N GLY C 61 29.97 22.27 28.17
CA GLY C 61 29.05 22.48 27.05
C GLY C 61 29.55 21.93 25.73
N VAL C 62 30.46 20.96 25.79
CA VAL C 62 31.01 20.32 24.59
C VAL C 62 30.18 19.07 24.25
N PRO C 63 29.59 19.05 23.05
CA PRO C 63 28.89 17.83 22.61
C PRO C 63 29.85 16.65 22.44
N THR C 64 29.45 15.48 22.93
CA THR C 64 30.27 14.28 22.85
C THR C 64 29.81 13.37 21.69
N ALA C 65 30.75 12.66 21.09
CA ALA C 65 30.46 11.75 19.97
C ALA C 65 29.92 10.41 20.47
N GLY C 66 29.42 9.60 19.54
CA GLY C 66 28.93 8.25 19.84
C GLY C 66 27.70 8.20 20.73
N SER C 67 26.96 9.30 20.77
CA SER C 67 25.82 9.44 21.66
C SER C 67 24.51 9.06 20.99
N LEU C 68 23.61 8.44 21.76
CA LEU C 68 22.25 8.15 21.33
C LEU C 68 21.31 8.48 22.48
N GLY C 69 20.21 9.16 22.17
CA GLY C 69 19.21 9.52 23.19
C GLY C 69 17.80 9.50 22.67
N ARG C 70 16.86 9.15 23.53
CA ARG C 70 15.45 9.07 23.19
C ARG C 70 14.55 9.57 24.32
N ALA C 71 13.48 10.25 23.95
CA ALA C 71 12.48 10.71 24.91
C ALA C 71 11.09 10.53 24.34
N PHE C 72 10.21 9.92 25.13
CA PHE C 72 8.81 9.71 24.75
C PHE C 72 7.89 10.16 25.87
N TYR C 73 6.69 10.58 25.49
CA TYR C 73 5.65 10.93 26.44
C TYR C 73 5.19 9.68 27.21
N SER C 74 4.86 9.87 28.48
CA SER C 74 4.55 8.76 29.39
C SER C 74 3.18 8.12 29.16
N THR C 75 2.32 8.75 28.37
CA THR C 75 1.01 8.21 28.02
C THR C 75 0.96 7.76 26.55
N PRO C 76 0.64 6.48 26.32
CA PRO C 76 0.49 5.94 24.96
C PRO C 76 -0.63 6.63 24.18
N ILE C 77 -0.43 6.77 22.88
CA ILE C 77 -1.43 7.38 22.00
C ILE C 77 -2.04 6.32 21.07
N GLN C 78 -3.37 6.21 21.07
CA GLN C 78 -4.05 5.34 20.13
C GLN C 78 -4.10 6.05 18.79
N ILE C 79 -3.40 5.48 17.83
CA ILE C 79 -3.26 6.07 16.50
C ILE C 79 -4.33 5.55 15.52
N TRP C 80 -4.82 4.34 15.77
CA TRP C 80 -5.96 3.79 15.02
C TRP C 80 -6.67 2.71 15.83
N ASP C 81 -7.94 2.49 15.50
CA ASP C 81 -8.76 1.50 16.17
C ASP C 81 -9.16 0.39 15.19
N ASN C 82 -8.71 -0.84 15.48
CA ASN C 82 -9.00 -2.00 14.65
C ASN C 82 -10.49 -2.38 14.60
N THR C 83 -11.17 -2.26 15.74
CA THR C 83 -12.58 -2.66 15.86
C THR C 83 -13.54 -1.73 15.15
N THR C 84 -13.22 -0.43 15.13
CA THR C 84 -14.10 0.57 14.51
C THR C 84 -13.61 1.02 13.13
N GLY C 85 -12.32 0.83 12.87
CA GLY C 85 -11.70 1.29 11.62
C GLY C 85 -11.34 2.76 11.61
N THR C 86 -11.46 3.42 12.76
CA THR C 86 -11.16 4.84 12.86
C THR C 86 -9.66 5.10 12.99
N VAL C 87 -9.21 6.19 12.39
CA VAL C 87 -7.81 6.59 12.43
C VAL C 87 -7.73 7.97 13.09
N ALA C 88 -6.75 8.12 13.98
CA ALA C 88 -6.55 9.39 14.66
C ALA C 88 -5.94 10.43 13.72
N SER C 89 -6.41 11.66 13.85
CA SER C 89 -5.72 12.80 13.28
C SER C 89 -4.86 13.41 14.38
N TRP C 90 -3.61 13.74 14.08
CA TRP C 90 -2.72 14.30 15.09
C TRP C 90 -1.79 15.37 14.56
N ALA C 91 -1.32 16.22 15.47
CA ALA C 91 -0.37 17.26 15.14
C ALA C 91 0.66 17.41 16.24
N THR C 92 1.89 17.74 15.87
CA THR C 92 2.93 18.03 16.86
C THR C 92 3.79 19.20 16.42
N SER C 93 4.15 20.04 17.38
CA SER C 93 5.05 21.14 17.10
C SER C 93 6.16 21.14 18.13
N PHE C 94 7.37 21.43 17.69
CA PHE C 94 8.49 21.54 18.60
C PHE C 94 9.53 22.52 18.07
N THR C 95 10.35 23.04 18.98
CA THR C 95 11.48 23.88 18.60
C THR C 95 12.73 23.13 19.01
N PHE C 96 13.63 22.92 18.05
CA PHE C 96 14.89 22.25 18.34
C PHE C 96 16.09 23.11 17.97
N ASN C 97 17.26 22.72 18.47
CA ASN C 97 18.48 23.44 18.17
C ASN C 97 19.64 22.46 18.06
N LEU C 98 20.19 22.37 16.84
CA LEU C 98 21.39 21.57 16.58
C LEU C 98 22.59 22.52 16.47
N GLN C 99 23.51 22.39 17.41
CA GLN C 99 24.64 23.29 17.52
C GLN C 99 25.94 22.52 17.33
N ALA C 100 26.64 22.79 16.23
CA ALA C 100 27.90 22.12 15.93
C ALA C 100 29.08 23.08 16.11
N PRO C 101 30.09 22.68 16.92
CA PRO C 101 31.32 23.46 17.04
C PRO C 101 32.00 23.65 15.67
N ASN C 102 32.01 22.59 14.87
CA ASN C 102 32.54 22.66 13.50
C ASN C 102 31.52 22.13 12.51
N ALA C 103 30.95 23.03 11.71
CA ALA C 103 29.86 22.70 10.78
C ALA C 103 30.24 21.70 9.70
N ALA C 104 31.50 21.73 9.29
CA ALA C 104 32.00 20.83 8.24
C ALA C 104 32.08 19.39 8.72
N SER C 105 32.05 19.19 10.04
CA SER C 105 32.03 17.85 10.61
C SER C 105 31.03 17.67 11.78
N PRO C 106 29.71 17.60 11.46
CA PRO C 106 28.74 17.19 12.47
C PRO C 106 27.94 15.95 12.03
N ALA C 107 27.25 15.35 12.98
CA ALA C 107 26.40 14.18 12.74
C ALA C 107 25.67 13.90 14.06
N ASP C 108 24.52 13.24 14.04
CA ASP C 108 23.89 12.74 12.81
C ASP C 108 22.55 13.38 12.50
N GLY C 109 21.84 13.80 13.55
CA GLY C 109 20.55 14.44 13.39
C GLY C 109 19.57 14.08 14.50
N LEU C 110 18.35 14.56 14.37
CA LEU C 110 17.28 14.21 15.28
C LEU C 110 15.97 13.94 14.52
N ALA C 111 15.07 13.20 15.15
CA ALA C 111 13.78 12.86 14.53
C ALA C 111 12.65 12.82 15.55
N PHE C 112 11.44 13.14 15.06
CA PHE C 112 10.21 12.87 15.80
C PHE C 112 9.68 11.52 15.34
N ALA C 113 9.35 10.65 16.28
CA ALA C 113 9.00 9.28 15.94
C ALA C 113 7.77 8.77 16.67
N LEU C 114 7.09 7.83 16.02
CA LEU C 114 6.04 7.04 16.64
C LEU C 114 6.53 5.60 16.64
N VAL C 115 6.67 5.04 17.85
CA VAL C 115 7.23 3.70 18.02
C VAL C 115 6.25 2.84 18.83
N PRO C 116 6.37 1.50 18.75
CA PRO C 116 5.57 0.67 19.65
C PRO C 116 5.84 1.01 21.12
N VAL C 117 4.86 0.73 21.98
CA VAL C 117 4.88 1.25 23.35
C VAL C 117 6.16 0.97 24.17
N GLY C 118 6.57 -0.28 24.28
CA GLY C 118 7.78 -0.58 25.06
C GLY C 118 9.05 -0.65 24.22
N SER C 119 9.09 0.15 23.17
CA SER C 119 10.14 0.07 22.16
C SER C 119 11.50 0.60 22.63
N GLN C 120 12.55 -0.12 22.24
CA GLN C 120 13.92 0.15 22.69
C GLN C 120 14.77 0.72 21.55
N PRO C 121 15.84 1.46 21.88
CA PRO C 121 16.69 2.05 20.84
C PRO C 121 17.31 1.01 19.92
N LYS C 122 17.57 1.39 18.69
CA LYS C 122 18.23 0.50 17.74
C LYS C 122 19.64 1.02 17.44
N ASP C 123 20.04 1.04 16.17
CA ASP C 123 21.41 1.45 15.81
C ASP C 123 21.61 2.95 15.96
N LYS C 124 22.80 3.33 16.41
CA LYS C 124 23.16 4.73 16.64
C LYS C 124 23.59 5.39 15.32
N GLY C 125 24.40 6.45 15.42
CA GLY C 125 24.93 7.14 14.24
C GLY C 125 23.85 7.51 13.24
N GLY C 126 24.11 7.21 11.96
CA GLY C 126 23.20 7.55 10.86
C GLY C 126 21.82 6.92 10.91
N PHE C 127 21.67 5.88 11.73
CA PHE C 127 20.37 5.21 11.91
C PHE C 127 19.48 5.94 12.94
N LEU C 128 20.06 6.95 13.60
CA LEU C 128 19.33 7.88 14.47
C LEU C 128 18.64 7.23 15.68
N GLY C 129 19.06 6.02 16.02
CA GLY C 129 18.49 5.29 17.15
C GLY C 129 17.13 4.69 16.87
N LEU C 130 16.73 4.68 15.60
CA LEU C 130 15.39 4.26 15.21
C LEU C 130 15.32 3.03 14.32
N PHE C 131 16.41 2.74 13.58
CA PHE C 131 16.40 1.67 12.59
C PHE C 131 17.66 0.79 12.63
N ASP C 132 17.56 -0.39 12.00
CA ASP C 132 18.68 -1.34 11.91
C ASP C 132 19.44 -1.23 10.59
N SER C 133 18.70 -1.08 9.49
CA SER C 133 19.31 -1.04 8.16
C SER C 133 18.49 -0.22 7.16
N LYS C 134 18.91 -0.24 5.90
CA LYS C 134 18.27 0.52 4.83
C LYS C 134 17.08 -0.20 4.20
N ASN C 135 17.07 -1.53 4.26
CA ASN C 135 15.97 -2.29 3.67
C ASN C 135 14.74 -2.32 4.56
N TYR C 136 13.58 -2.47 3.92
CA TYR C 136 12.28 -2.42 4.60
C TYR C 136 12.12 -3.58 5.59
N ALA C 137 11.98 -3.23 6.86
CA ALA C 137 11.67 -4.20 7.90
C ALA C 137 10.40 -3.78 8.63
N SER C 138 9.28 -4.41 8.26
CA SER C 138 7.96 -4.04 8.76
C SER C 138 7.75 -4.28 10.26
N SER C 139 8.57 -5.13 10.85
CA SER C 139 8.44 -5.46 12.27
C SER C 139 8.96 -4.37 13.22
N ASN C 140 9.64 -3.36 12.68
CA ASN C 140 10.04 -2.19 13.47
C ASN C 140 8.86 -1.31 13.82
N GLN C 141 7.86 -1.29 12.94
CA GLN C 141 6.63 -0.50 13.12
C GLN C 141 6.88 0.92 13.60
N THR C 142 7.68 1.66 12.84
CA THR C 142 8.13 2.99 13.23
C THR C 142 7.93 4.00 12.10
N VAL C 143 7.21 5.06 12.39
CA VAL C 143 7.11 6.23 11.52
C VAL C 143 7.94 7.35 12.17
N ALA C 144 8.77 8.02 11.37
CA ALA C 144 9.60 9.10 11.88
C ALA C 144 9.75 10.20 10.83
N VAL C 145 9.78 11.43 11.30
CA VAL C 145 10.17 12.55 10.47
C VAL C 145 11.57 12.94 10.92
N GLU C 146 12.55 12.73 10.04
CA GLU C 146 13.94 12.99 10.39
C GLU C 146 14.41 14.37 9.96
N PHE C 147 15.33 14.91 10.71
CA PHE C 147 16.04 16.12 10.34
C PHE C 147 17.51 15.73 10.35
N ASP C 148 17.99 15.46 9.13
CA ASP C 148 19.23 14.71 8.92
C ASP C 148 20.39 15.64 8.56
N THR C 149 21.33 15.77 9.50
CA THR C 149 22.48 16.69 9.40
C THR C 149 23.66 16.10 8.64
N PHE C 150 23.60 14.80 8.34
CA PHE C 150 24.78 14.11 7.82
C PHE C 150 24.52 13.23 6.60
N TYR C 151 25.37 13.39 5.59
CA TYR C 151 25.29 12.67 4.32
C TYR C 151 25.79 11.22 4.49
N ASN C 152 24.86 10.29 4.65
CA ASN C 152 25.20 8.89 4.77
C ASN C 152 25.31 8.16 3.43
N GLY C 153 24.84 8.84 2.38
CA GLY C 153 25.06 8.38 0.99
C GLY C 153 24.59 6.98 0.68
N GLY C 154 24.95 6.02 1.54
CA GLY C 154 24.46 4.66 1.43
C GLY C 154 22.97 4.69 1.18
N TRP C 155 22.34 5.80 1.59
CA TRP C 155 20.90 5.99 1.44
C TRP C 155 20.45 7.47 1.32
N ASP C 156 21.31 8.41 1.73
CA ASP C 156 20.93 9.82 1.84
C ASP C 156 21.04 10.64 0.56
N PRO C 157 20.21 11.70 0.44
CA PRO C 157 20.44 12.72 -0.60
C PRO C 157 21.69 13.52 -0.27
N THR C 158 22.16 14.32 -1.23
CA THR C 158 23.47 14.98 -1.10
C THR C 158 23.56 16.05 0.00
N GLU C 159 22.51 16.85 0.16
CA GLU C 159 22.51 17.89 1.19
C GLU C 159 21.67 17.55 2.43
N ARG C 160 21.75 18.42 3.44
CA ARG C 160 20.93 18.29 4.66
C ARG C 160 19.47 18.26 4.26
N HIS C 161 18.70 17.39 4.90
CA HIS C 161 17.34 17.14 4.46
C HIS C 161 16.36 16.84 5.58
N ILE C 162 15.08 17.09 5.30
CA ILE C 162 14.00 16.54 6.09
C ILE C 162 13.49 15.33 5.32
N GLY C 163 13.27 14.22 6.03
CA GLY C 163 12.78 13.01 5.40
C GLY C 163 11.69 12.32 6.19
N ILE C 164 10.82 11.59 5.48
CA ILE C 164 9.81 10.74 6.11
C ILE C 164 10.30 9.29 6.07
N ASP C 165 10.43 8.70 7.26
CA ASP C 165 10.94 7.35 7.41
C ASP C 165 9.86 6.37 7.81
N VAL C 166 9.65 5.36 6.97
CA VAL C 166 8.68 4.30 7.24
C VAL C 166 9.40 2.95 7.28
N ASN C 167 9.62 2.44 8.50
CA ASN C 167 10.28 1.14 8.73
C ASN C 167 11.68 1.01 8.11
N SER C 168 12.30 2.15 7.80
CA SER C 168 13.60 2.19 7.14
C SER C 168 14.25 3.56 7.36
N ILE C 169 15.58 3.57 7.50
CA ILE C 169 16.35 4.83 7.53
C ILE C 169 16.41 5.48 6.15
N LYS C 170 16.09 4.70 5.11
CA LYS C 170 16.06 5.21 3.75
C LYS C 170 14.69 5.84 3.49
N SER C 171 14.63 7.16 3.66
CA SER C 171 13.37 7.92 3.57
C SER C 171 12.59 7.59 2.30
N ILE C 172 11.26 7.54 2.43
CA ILE C 172 10.40 7.32 1.26
C ILE C 172 10.24 8.61 0.45
N LYS C 173 10.55 9.74 1.07
CA LYS C 173 10.54 11.05 0.42
C LYS C 173 11.35 12.03 1.26
N THR C 174 12.11 12.91 0.61
CA THR C 174 12.88 13.95 1.30
C THR C 174 12.65 15.33 0.69
N THR C 175 13.15 16.36 1.39
CA THR C 175 13.26 17.71 0.83
C THR C 175 14.48 18.40 1.40
N SER C 176 15.07 19.30 0.63
CA SER C 176 16.25 20.07 1.05
C SER C 176 16.00 20.84 2.33
N TRP C 177 17.03 20.86 3.17
CA TRP C 177 16.99 21.62 4.42
C TRP C 177 18.24 22.47 4.54
N ASP C 178 18.09 23.77 4.35
CA ASP C 178 19.19 24.72 4.54
C ASP C 178 19.40 24.93 6.04
N PHE C 179 20.00 23.94 6.69
CA PHE C 179 20.25 23.91 8.12
C PHE C 179 21.13 25.09 8.57
N ALA C 180 20.63 25.84 9.53
CA ALA C 180 21.36 26.97 10.10
C ALA C 180 21.95 26.58 11.45
N ASN C 181 23.26 26.41 11.49
CA ASN C 181 23.96 25.92 12.69
C ASN C 181 23.67 26.75 13.93
N GLY C 182 23.26 26.07 15.01
CA GLY C 182 23.00 26.72 16.30
C GLY C 182 21.82 27.68 16.31
N GLU C 183 20.97 27.58 15.30
CA GLU C 183 19.78 28.42 15.20
C GLU C 183 18.53 27.57 15.43
N ASN C 184 17.56 28.14 16.15
CA ASN C 184 16.31 27.45 16.46
C ASN C 184 15.57 27.02 15.20
N ALA C 185 15.06 25.80 15.20
CA ALA C 185 14.16 25.34 14.16
C ALA C 185 12.79 25.05 14.76
N GLU C 186 11.76 25.70 14.24
CA GLU C 186 10.39 25.49 14.67
C GLU C 186 9.67 24.56 13.70
N VAL C 187 9.30 23.39 14.19
CA VAL C 187 8.74 22.31 13.36
C VAL C 187 7.25 22.12 13.60
N LEU C 188 6.52 21.87 12.51
CA LEU C 188 5.13 21.43 12.60
C LEU C 188 4.91 20.15 11.78
N ILE C 189 4.45 19.10 12.45
CA ILE C 189 4.11 17.85 11.79
C ILE C 189 2.63 17.56 12.04
N THR C 190 1.90 17.34 10.95
CA THR C 190 0.47 17.05 11.03
C THR C 190 0.16 15.77 10.25
N TYR C 191 -0.80 15.00 10.77
CA TYR C 191 -1.32 13.84 10.06
C TYR C 191 -2.84 13.92 9.97
N ASP C 192 -3.35 13.95 8.75
CA ASP C 192 -4.79 14.00 8.49
C ASP C 192 -5.31 12.59 8.18
N SER C 193 -6.24 12.12 8.99
CA SER C 193 -6.78 10.76 8.83
C SER C 193 -7.56 10.60 7.52
N SER C 194 -8.29 11.62 7.11
CA SER C 194 -9.17 11.54 5.93
C SER C 194 -8.43 11.53 4.60
N THR C 195 -7.24 12.14 4.56
CA THR C 195 -6.41 12.15 3.34
C THR C 195 -5.16 11.27 3.46
N ASN C 196 -4.93 10.72 4.66
CA ASN C 196 -3.73 9.93 4.97
C ASN C 196 -2.40 10.68 4.74
N LEU C 197 -2.48 12.00 4.81
CA LEU C 197 -1.34 12.84 4.47
C LEU C 197 -0.55 13.28 5.70
N LEU C 198 0.75 12.96 5.68
CA LEU C 198 1.69 13.43 6.67
C LEU C 198 2.42 14.64 6.09
N VAL C 199 2.30 15.78 6.76
CA VAL C 199 2.99 16.99 6.35
C VAL C 199 3.98 17.36 7.44
N ALA C 200 5.19 17.74 7.02
CA ALA C 200 6.20 18.22 7.96
C ALA C 200 6.80 19.52 7.44
N SER C 201 6.86 20.53 8.30
CA SER C 201 7.47 21.80 7.93
C SER C 201 8.45 22.28 8.98
N LEU C 202 9.52 22.92 8.51
CA LEU C 202 10.53 23.50 9.39
C LEU C 202 10.69 24.97 9.04
N VAL C 203 10.77 25.80 10.08
CA VAL C 203 11.04 27.21 9.92
C VAL C 203 12.26 27.59 10.77
N HIS C 204 13.18 28.33 10.17
CA HIS C 204 14.28 28.98 10.90
C HIS C 204 13.96 30.48 10.98
N PRO C 205 13.31 30.92 12.06
CA PRO C 205 12.83 32.30 12.17
C PRO C 205 13.94 33.36 12.05
N SER C 206 15.12 33.07 12.59
CA SER C 206 16.24 33.99 12.50
C SER C 206 16.75 34.19 11.07
N GLN C 207 16.51 33.19 10.21
CA GLN C 207 16.91 33.24 8.79
C GLN C 207 15.75 33.58 7.86
N LYS C 208 14.52 33.54 8.38
CA LYS C 208 13.30 33.74 7.59
C LYS C 208 13.15 32.66 6.50
N THR C 209 13.67 31.47 6.79
CA THR C 209 13.61 30.36 5.85
C THR C 209 12.59 29.31 6.30
N SER C 210 12.04 28.60 5.33
CA SER C 210 11.03 27.60 5.60
C SER C 210 11.09 26.45 4.59
N PHE C 211 10.73 25.26 5.05
CA PHE C 211 10.86 24.04 4.24
C PHE C 211 9.67 23.11 4.54
N ILE C 212 9.25 22.33 3.55
CA ILE C 212 8.04 21.53 3.69
C ILE C 212 8.08 20.20 2.92
N VAL C 213 7.59 19.14 3.57
CA VAL C 213 7.54 17.78 3.01
C VAL C 213 6.14 17.23 3.22
N SER C 214 5.63 16.51 2.23
CA SER C 214 4.32 15.87 2.34
C SER C 214 4.30 14.55 1.59
N GLU C 215 3.79 13.52 2.25
CA GLU C 215 3.65 12.19 1.65
C GLU C 215 2.51 11.44 2.28
N ARG C 216 1.84 10.63 1.46
CA ARG C 216 0.77 9.76 1.92
C ARG C 216 1.34 8.59 2.72
N VAL C 217 0.85 8.41 3.94
CA VAL C 217 1.25 7.30 4.79
C VAL C 217 0.01 6.68 5.40
N ASP C 218 -0.17 5.37 5.20
CA ASP C 218 -1.27 4.66 5.84
C ASP C 218 -0.77 4.09 7.16
N LEU C 219 -1.24 4.67 8.25
CA LEU C 219 -0.74 4.34 9.58
C LEU C 219 -1.22 2.99 10.10
N THR C 220 -2.38 2.55 9.61
CA THR C 220 -2.91 1.23 9.97
C THR C 220 -2.04 0.11 9.38
N SER C 221 -1.33 0.43 8.31
CA SER C 221 -0.39 -0.51 7.68
C SER C 221 0.96 -0.53 8.39
N VAL C 222 1.32 0.59 9.02
CA VAL C 222 2.67 0.78 9.54
C VAL C 222 2.79 0.64 11.06
N LEU C 223 1.89 1.29 11.78
CA LEU C 223 1.99 1.36 13.23
C LEU C 223 1.02 0.43 13.95
N PRO C 224 1.38 -0.02 15.17
CA PRO C 224 0.39 -0.71 16.01
C PRO C 224 -0.69 0.29 16.42
N GLU C 225 -1.76 -0.21 17.02
CA GLU C 225 -2.86 0.65 17.45
C GLU C 225 -2.41 1.69 18.48
N TRP C 226 -1.52 1.27 19.37
CA TRP C 226 -0.99 2.15 20.40
C TRP C 226 0.49 2.42 20.16
N VAL C 227 0.89 3.69 20.30
CA VAL C 227 2.29 4.08 20.12
C VAL C 227 2.77 5.05 21.21
N SER C 228 4.08 5.10 21.40
CA SER C 228 4.71 6.17 22.14
C SER C 228 5.18 7.22 21.16
N VAL C 229 4.95 8.49 21.47
CA VAL C 229 5.41 9.59 20.64
C VAL C 229 6.57 10.32 21.31
N GLY C 230 7.51 10.81 20.51
CA GLY C 230 8.66 11.53 21.02
C GLY C 230 9.81 11.69 20.04
N PHE C 231 11.02 11.67 20.58
CA PHE C 231 12.22 12.05 19.83
C PHE C 231 13.34 11.03 19.95
N SER C 232 14.18 11.01 18.93
CA SER C 232 15.40 10.23 18.92
C SER C 232 16.48 11.02 18.20
N ALA C 233 17.70 10.97 18.73
CA ALA C 233 18.83 11.69 18.11
C ALA C 233 20.15 11.00 18.40
N THR C 234 21.14 11.29 17.55
CA THR C 234 22.46 10.71 17.69
C THR C 234 23.56 11.71 17.32
N THR C 235 24.75 11.49 17.87
CA THR C 235 25.93 12.18 17.40
C THR C 235 26.77 11.20 16.56
N GLY C 236 27.85 11.72 15.97
CA GLY C 236 28.65 10.95 15.01
C GLY C 236 29.34 9.72 15.56
N LEU C 237 29.75 8.83 14.66
CA LEU C 237 30.55 7.67 15.03
C LEU C 237 32.04 7.95 14.87
N SER C 238 32.42 9.22 14.94
CA SER C 238 33.81 9.63 14.98
C SER C 238 33.99 10.78 15.97
N LYS C 239 35.13 10.76 16.65
CA LYS C 239 35.49 11.71 17.71
C LYS C 239 35.10 13.16 17.45
N GLY C 240 35.28 13.60 16.21
CA GLY C 240 35.14 15.02 15.86
C GLY C 240 33.81 15.43 15.28
N TYR C 241 32.98 14.44 14.93
CA TYR C 241 31.67 14.70 14.32
C TYR C 241 30.60 14.86 15.39
N VAL C 242 30.59 16.04 16.00
CA VAL C 242 29.79 16.32 17.19
C VAL C 242 28.80 17.46 17.01
N GLU C 243 27.65 17.35 17.65
CA GLU C 243 26.62 18.39 17.68
C GLU C 243 25.73 18.20 18.90
N THR C 244 25.07 19.27 19.32
CA THR C 244 23.99 19.13 20.30
C THR C 244 22.73 18.69 19.57
N ASN C 245 21.83 18.01 20.29
CA ASN C 245 20.52 17.67 19.78
C ASN C 245 19.48 18.01 20.84
N GLU C 246 19.18 19.31 20.97
CA GLU C 246 18.33 19.82 22.03
C GLU C 246 16.93 20.13 21.53
N VAL C 247 15.94 19.84 22.38
CA VAL C 247 14.55 20.23 22.12
C VAL C 247 14.15 21.24 23.21
N LEU C 248 13.72 22.42 22.77
CA LEU C 248 13.44 23.53 23.69
C LEU C 248 12.00 23.56 24.18
N SER C 249 11.08 23.20 23.29
CA SER C 249 9.67 23.11 23.61
C SER C 249 9.00 22.03 22.75
N TRP C 250 7.85 21.54 23.20
CA TRP C 250 7.16 20.45 22.52
C TRP C 250 5.67 20.48 22.84
N SER C 251 4.88 20.32 21.79
CA SER C 251 3.43 20.30 21.88
C SER C 251 2.85 19.19 21.01
N PHE C 252 1.85 18.49 21.55
CA PHE C 252 1.21 17.37 20.84
C PHE C 252 -0.29 17.40 21.08
N ALA C 253 -1.06 17.06 20.04
CA ALA C 253 -2.50 16.89 20.15
C ALA C 253 -3.01 15.82 19.18
N SER C 254 -3.92 14.98 19.66
CA SER C 254 -4.48 13.90 18.85
C SER C 254 -5.96 13.69 19.12
N LYS C 255 -6.67 13.30 18.07
CA LYS C 255 -8.12 13.19 18.11
C LYS C 255 -8.54 11.89 17.42
N LEU C 256 -9.12 10.98 18.20
CA LEU C 256 -9.64 9.73 17.67
C LEU C 256 -11.17 9.70 17.73
N SER C 257 -11.80 9.68 16.56
CA SER C 257 -13.25 9.56 16.44
C SER C 257 -13.73 8.19 16.89
N ILE C 258 -14.97 8.13 17.40
CA ILE C 258 -15.54 6.89 17.96
C ILE C 258 -16.03 5.88 16.93
N ASN C 259 -16.66 6.39 15.87
CA ASN C 259 -17.19 5.57 14.77
C ASN C 259 -16.59 5.93 13.41
N LYS C 260 -16.32 7.23 13.21
CA LYS C 260 -15.76 7.72 11.94
C LYS C 260 -14.23 7.78 11.96
N ASN C 265 -8.09 18.81 11.52
CA ASN C 265 -7.78 19.22 12.89
C ASN C 265 -7.55 20.73 12.97
N LYS C 266 -8.25 21.41 13.87
CA LYS C 266 -8.09 22.85 13.99
C LYS C 266 -6.64 23.22 14.33
N LEU C 267 -5.84 23.41 13.30
CA LEU C 267 -4.43 23.73 13.48
C LEU C 267 -4.29 25.18 13.97
N ALA C 268 -5.13 26.06 13.46
CA ALA C 268 -5.14 27.44 13.89
C ALA C 268 -5.01 27.53 15.41
N ILE C 269 -5.89 26.85 16.12
CA ILE C 269 -5.90 26.90 17.58
C ILE C 269 -4.76 26.09 18.19
N PHE C 270 -4.33 25.06 17.48
CA PHE C 270 -3.26 24.19 17.98
C PHE C 270 -1.85 24.75 18.08
N ASN C 271 -1.47 25.59 17.11
CA ASN C 271 -0.09 26.06 17.03
C ASN C 271 0.06 27.29 17.92
N LEU C 272 -1.06 27.80 18.43
CA LEU C 272 -1.04 28.96 19.31
C LEU C 272 -0.53 28.47 20.66
N GLU C 273 -0.92 27.24 21.02
CA GLU C 273 -0.50 26.65 22.28
C GLU C 273 0.97 26.25 22.24
N GLY C 274 1.47 25.97 21.04
CA GLY C 274 2.85 25.57 20.86
C GLY C 274 3.64 26.58 20.03
N LYS C 275 3.64 26.39 18.72
CA LYS C 275 4.37 27.28 17.82
C LYS C 275 3.49 27.67 16.63
N ALA D 24 -8.26 -26.06 -24.47
CA ALA D 24 -7.19 -26.78 -23.74
C ALA D 24 -6.99 -26.25 -22.32
N ASN D 25 -7.04 -27.14 -21.34
CA ASN D 25 -6.78 -26.79 -19.95
C ASN D 25 -5.29 -26.59 -19.69
N LEU D 26 -4.97 -25.52 -18.97
CA LEU D 26 -3.59 -25.15 -18.68
C LEU D 26 -3.37 -24.97 -17.18
N ILE D 27 -2.17 -25.33 -16.73
CA ILE D 27 -1.74 -25.03 -15.36
C ILE D 27 -0.24 -24.77 -15.36
N SER D 28 0.18 -23.72 -14.66
CA SER D 28 1.59 -23.41 -14.50
C SER D 28 1.87 -22.64 -13.23
N PHE D 29 3.12 -22.68 -12.78
CA PHE D 29 3.60 -21.85 -11.68
C PHE D 29 5.12 -21.70 -11.73
N THR D 30 5.61 -20.66 -11.05
CA THR D 30 7.04 -20.42 -10.90
C THR D 30 7.33 -19.99 -9.46
N PHE D 31 8.06 -20.82 -8.74
CA PHE D 31 8.56 -20.45 -7.42
C PHE D 31 10.03 -20.08 -7.54
N LYS D 32 10.33 -18.78 -7.53
CA LYS D 32 11.71 -18.33 -7.37
C LYS D 32 12.11 -18.40 -5.90
N LYS D 33 11.13 -18.23 -5.02
CA LYS D 33 11.28 -18.49 -3.58
C LYS D 33 10.11 -19.37 -3.13
N PHE D 34 10.32 -20.13 -2.06
CA PHE D 34 9.31 -21.09 -1.61
C PHE D 34 8.47 -20.62 -0.42
N ASN D 35 7.29 -21.23 -0.28
CA ASN D 35 6.35 -20.94 0.78
C ASN D 35 5.64 -22.22 1.20
N GLU D 36 5.39 -22.38 2.50
CA GLU D 36 4.66 -23.54 3.01
C GLU D 36 3.23 -23.61 2.47
N THR D 37 2.65 -22.44 2.23
CA THR D 37 1.20 -22.30 2.04
C THR D 37 0.66 -22.96 0.76
N ASN D 38 1.46 -23.00 -0.29
CA ASN D 38 1.08 -23.65 -1.54
C ASN D 38 1.79 -25.00 -1.77
N LEU D 39 2.33 -25.57 -0.70
CA LEU D 39 2.98 -26.88 -0.80
C LEU D 39 2.37 -27.92 0.15
N ILE D 40 2.50 -29.18 -0.22
CA ILE D 40 2.16 -30.30 0.67
C ILE D 40 3.48 -30.89 1.16
N LEU D 41 3.81 -30.57 2.41
CA LEU D 41 5.07 -30.97 3.02
C LEU D 41 4.94 -32.29 3.75
N GLN D 42 5.87 -33.20 3.49
CA GLN D 42 5.84 -34.52 4.12
C GLN D 42 7.18 -34.84 4.78
N ARG D 43 7.08 -35.37 6.00
CA ARG D 43 8.23 -35.76 6.82
C ARG D 43 9.16 -34.61 7.19
N ASP D 44 10.43 -34.70 6.77
CA ASP D 44 11.44 -33.72 7.17
C ASP D 44 11.50 -32.50 6.27
N ALA D 45 10.75 -32.51 5.17
CA ALA D 45 10.75 -31.41 4.20
C ALA D 45 10.27 -30.11 4.86
N THR D 46 11.00 -29.04 4.59
CA THR D 46 10.75 -27.77 5.25
C THR D 46 11.19 -26.59 4.37
N VAL D 47 10.49 -25.47 4.52
CA VAL D 47 10.88 -24.23 3.86
C VAL D 47 11.64 -23.37 4.85
N SER D 48 12.88 -23.02 4.50
CA SER D 48 13.73 -22.19 5.34
C SER D 48 14.36 -21.10 4.51
N SER D 49 14.08 -19.85 4.87
CA SER D 49 14.57 -18.67 4.16
C SER D 49 14.29 -18.73 2.66
N GLY D 50 13.07 -19.14 2.30
CA GLY D 50 12.65 -19.21 0.90
C GLY D 50 13.23 -20.38 0.13
N LYS D 51 13.98 -21.24 0.81
CA LYS D 51 14.57 -22.41 0.17
C LYS D 51 13.85 -23.66 0.63
N LEU D 52 13.55 -24.55 -0.31
CA LEU D 52 12.94 -25.83 0.00
C LEU D 52 14.03 -26.82 0.43
N ARG D 53 14.10 -27.06 1.74
CA ARG D 53 15.06 -27.99 2.31
C ARG D 53 14.37 -29.32 2.53
N ILE D 54 14.59 -30.26 1.62
CA ILE D 54 13.89 -31.54 1.64
C ILE D 54 14.28 -32.44 2.82
N THR D 55 15.57 -32.43 3.15
CA THR D 55 16.08 -33.24 4.25
C THR D 55 16.69 -32.37 5.35
N LYS D 56 16.79 -32.95 6.55
CA LYS D 56 17.14 -32.20 7.76
C LYS D 56 18.54 -31.62 7.78
N ALA D 57 18.62 -30.36 8.22
CA ALA D 57 19.87 -29.68 8.47
C ALA D 57 19.84 -29.12 9.87
N ALA D 58 20.98 -29.16 10.55
CA ALA D 58 21.12 -28.61 11.91
C ALA D 58 21.10 -27.08 11.89
N GLU D 59 20.99 -26.50 13.08
CA GLU D 59 20.97 -25.04 13.25
C GLU D 59 22.28 -24.43 12.77
N ASN D 60 23.36 -25.17 12.94
CA ASN D 60 24.69 -24.77 12.45
C ASN D 60 24.89 -25.04 10.95
N GLY D 61 23.94 -25.74 10.33
CA GLY D 61 23.99 -26.04 8.90
C GLY D 61 24.57 -27.40 8.58
N VAL D 62 24.52 -28.31 9.55
CA VAL D 62 25.02 -29.67 9.37
C VAL D 62 23.89 -30.58 8.89
N PRO D 63 24.05 -31.21 7.72
CA PRO D 63 23.06 -32.19 7.27
C PRO D 63 23.02 -33.41 8.19
N THR D 64 21.82 -33.86 8.53
CA THR D 64 21.63 -35.01 9.41
C THR D 64 21.32 -36.28 8.58
N ALA D 65 21.74 -37.43 9.09
CA ALA D 65 21.51 -38.71 8.43
C ALA D 65 20.10 -39.25 8.71
N GLY D 66 19.72 -40.29 7.98
CA GLY D 66 18.44 -40.97 8.18
C GLY D 66 17.20 -40.13 7.87
N SER D 67 17.39 -39.09 7.06
CA SER D 67 16.32 -38.14 6.77
C SER D 67 15.57 -38.49 5.49
N LEU D 68 14.26 -38.22 5.50
CA LEU D 68 13.42 -38.34 4.31
C LEU D 68 12.52 -37.11 4.27
N GLY D 69 12.38 -36.51 3.09
CA GLY D 69 11.50 -35.37 2.90
C GLY D 69 10.82 -35.33 1.55
N ARG D 70 9.60 -34.80 1.52
CA ARG D 70 8.81 -34.70 0.30
C ARG D 70 8.02 -33.40 0.23
N ALA D 71 7.91 -32.86 -0.98
CA ALA D 71 7.13 -31.65 -1.19
C ALA D 71 6.38 -31.76 -2.52
N PHE D 72 5.08 -31.49 -2.49
CA PHE D 72 4.26 -31.50 -3.69
C PHE D 72 3.44 -30.23 -3.79
N TYR D 73 3.09 -29.86 -5.02
CA TYR D 73 2.22 -28.72 -5.26
C TYR D 73 0.81 -29.03 -4.76
N SER D 74 0.14 -28.01 -4.25
CA SER D 74 -1.17 -28.18 -3.60
C SER D 74 -2.33 -28.45 -4.56
N THR D 75 -2.12 -28.23 -5.86
CA THR D 75 -3.13 -28.52 -6.88
C THR D 75 -2.77 -29.74 -7.72
N PRO D 76 -3.66 -30.75 -7.75
CA PRO D 76 -3.46 -31.94 -8.58
C PRO D 76 -3.38 -31.63 -10.06
N ILE D 77 -2.56 -32.38 -10.79
CA ILE D 77 -2.42 -32.23 -12.23
C ILE D 77 -3.04 -33.42 -12.97
N GLN D 78 -3.94 -33.14 -13.92
CA GLN D 78 -4.49 -34.19 -14.77
C GLN D 78 -3.46 -34.50 -15.84
N ILE D 79 -2.96 -35.72 -15.80
CA ILE D 79 -1.88 -36.13 -16.69
C ILE D 79 -2.41 -36.85 -17.92
N TRP D 80 -3.59 -37.46 -17.78
CA TRP D 80 -4.30 -38.03 -18.93
C TRP D 80 -5.80 -38.15 -18.65
N ASP D 81 -6.60 -38.16 -19.72
CA ASP D 81 -8.06 -38.25 -19.63
C ASP D 81 -8.54 -39.57 -20.22
N ASN D 82 -9.13 -40.41 -19.38
CA ASN D 82 -9.66 -41.71 -19.79
C ASN D 82 -10.82 -41.61 -20.79
N THR D 83 -11.70 -40.65 -20.60
CA THR D 83 -12.90 -40.49 -21.43
C THR D 83 -12.60 -39.99 -22.84
N THR D 84 -11.59 -39.13 -22.98
CA THR D 84 -11.25 -38.55 -24.28
C THR D 84 -10.03 -39.20 -24.92
N GLY D 85 -9.20 -39.86 -24.10
CA GLY D 85 -7.95 -40.46 -24.56
C GLY D 85 -6.80 -39.48 -24.71
N THR D 86 -7.01 -38.25 -24.24
CA THR D 86 -5.98 -37.22 -24.35
C THR D 86 -4.93 -37.35 -23.25
N VAL D 87 -3.69 -37.02 -23.60
CA VAL D 87 -2.56 -37.08 -22.68
C VAL D 87 -1.95 -35.69 -22.58
N ALA D 88 -1.64 -35.27 -21.35
CA ALA D 88 -1.03 -33.97 -21.12
C ALA D 88 0.42 -33.94 -21.56
N SER D 89 0.83 -32.83 -22.16
CA SER D 89 2.24 -32.54 -22.33
C SER D 89 2.63 -31.64 -21.17
N TRP D 90 3.78 -31.90 -20.56
CA TRP D 90 4.21 -31.10 -19.42
C TRP D 90 5.72 -30.89 -19.38
N ALA D 91 6.13 -29.83 -18.68
CA ALA D 91 7.54 -29.54 -18.50
C ALA D 91 7.77 -28.99 -17.10
N THR D 92 8.92 -29.30 -16.52
CA THR D 92 9.30 -28.74 -15.24
C THR D 92 10.77 -28.39 -15.24
N SER D 93 11.09 -27.28 -14.59
CA SER D 93 12.47 -26.88 -14.41
C SER D 93 12.69 -26.50 -12.96
N PHE D 94 13.85 -26.89 -12.44
CA PHE D 94 14.22 -26.54 -11.08
C PHE D 94 15.72 -26.41 -10.92
N THR D 95 16.14 -25.70 -9.89
CA THR D 95 17.55 -25.62 -9.53
C THR D 95 17.69 -26.25 -8.17
N PHE D 96 18.58 -27.24 -8.07
CA PHE D 96 18.84 -27.90 -6.79
C PHE D 96 20.31 -27.83 -6.40
N ASN D 97 20.58 -28.11 -5.14
CA ASN D 97 21.94 -28.08 -4.62
C ASN D 97 22.13 -29.18 -3.58
N LEU D 98 22.98 -30.14 -3.91
CA LEU D 98 23.37 -31.21 -2.98
C LEU D 98 24.76 -30.90 -2.45
N GLN D 99 24.83 -30.66 -1.16
CA GLN D 99 26.06 -30.22 -0.52
C GLN D 99 26.50 -31.24 0.53
N ALA D 100 27.62 -31.92 0.24
CA ALA D 100 28.16 -32.93 1.15
C ALA D 100 29.41 -32.42 1.86
N PRO D 101 29.44 -32.50 3.21
CA PRO D 101 30.64 -32.16 3.97
C PRO D 101 31.82 -33.04 3.55
N ASN D 102 31.55 -34.33 3.33
CA ASN D 102 32.55 -35.26 2.84
C ASN D 102 32.03 -36.01 1.62
N ALA D 103 32.59 -35.70 0.45
CA ALA D 103 32.13 -36.22 -0.84
C ALA D 103 32.25 -37.74 -0.98
N ALA D 104 33.27 -38.31 -0.34
CA ALA D 104 33.51 -39.76 -0.37
C ALA D 104 32.43 -40.55 0.37
N SER D 105 31.67 -39.87 1.24
CA SER D 105 30.57 -40.50 1.95
C SER D 105 29.30 -39.63 2.02
N PRO D 106 28.55 -39.52 0.89
CA PRO D 106 27.22 -38.94 0.94
C PRO D 106 26.16 -39.91 0.43
N ALA D 107 24.89 -39.58 0.69
CA ALA D 107 23.74 -40.35 0.23
C ALA D 107 22.50 -39.56 0.62
N ASP D 108 21.37 -39.76 -0.06
CA ASP D 108 21.22 -40.73 -1.14
C ASP D 108 20.91 -40.09 -2.49
N GLY D 109 20.20 -38.96 -2.45
CA GLY D 109 19.85 -38.24 -3.66
C GLY D 109 18.51 -37.53 -3.57
N LEU D 110 18.11 -36.93 -4.68
CA LEU D 110 16.79 -36.32 -4.79
C LEU D 110 16.15 -36.66 -6.12
N ALA D 111 14.82 -36.57 -6.16
CA ALA D 111 14.06 -36.89 -7.38
C ALA D 111 12.87 -35.96 -7.58
N PHE D 112 12.51 -35.73 -8.85
CA PHE D 112 11.24 -35.13 -9.19
C PHE D 112 10.27 -36.26 -9.51
N ALA D 113 9.09 -36.22 -8.89
CA ALA D 113 8.17 -37.35 -8.99
C ALA D 113 6.73 -36.95 -9.29
N LEU D 114 6.02 -37.86 -9.95
CA LEU D 114 4.58 -37.77 -10.10
C LEU D 114 4.00 -38.96 -9.33
N VAL D 115 3.20 -38.66 -8.31
CA VAL D 115 2.62 -39.68 -7.44
C VAL D 115 1.10 -39.55 -7.40
N PRO D 116 0.39 -40.63 -7.00
CA PRO D 116 -1.05 -40.48 -6.81
C PRO D 116 -1.35 -39.38 -5.77
N VAL D 117 -2.55 -38.81 -5.83
CA VAL D 117 -2.85 -37.55 -5.12
C VAL D 117 -2.59 -37.56 -3.60
N GLY D 118 -3.12 -38.54 -2.88
CA GLY D 118 -2.90 -38.59 -1.42
C GLY D 118 -1.75 -39.48 -1.01
N SER D 119 -0.74 -39.58 -1.88
CA SER D 119 0.34 -40.54 -1.73
C SER D 119 1.31 -40.23 -0.59
N GLN D 120 1.70 -41.28 0.14
CA GLN D 120 2.53 -41.16 1.33
C GLN D 120 3.94 -41.68 1.06
N PRO D 121 4.94 -41.21 1.84
CA PRO D 121 6.32 -41.65 1.64
C PRO D 121 6.50 -43.16 1.81
N LYS D 122 7.47 -43.72 1.09
CA LYS D 122 7.77 -45.14 1.22
C LYS D 122 9.13 -45.34 1.92
N ASP D 123 9.98 -46.20 1.39
CA ASP D 123 11.26 -46.49 2.06
C ASP D 123 12.24 -45.34 1.90
N LYS D 124 13.05 -45.11 2.94
CA LYS D 124 14.03 -44.03 2.95
C LYS D 124 15.31 -44.48 2.24
N GLY D 125 16.44 -43.85 2.58
CA GLY D 125 17.74 -44.23 2.04
C GLY D 125 17.75 -44.29 0.53
N GLY D 126 18.31 -45.37 -0.01
CA GLY D 126 18.47 -45.55 -1.45
C GLY D 126 17.18 -45.63 -2.25
N PHE D 127 16.05 -45.83 -1.57
CA PHE D 127 14.74 -45.86 -2.20
C PHE D 127 14.14 -44.47 -2.37
N LEU D 128 14.83 -43.46 -1.84
CA LEU D 128 14.55 -42.04 -2.08
C LEU D 128 13.16 -41.58 -1.63
N GLY D 129 12.51 -42.37 -0.78
CA GLY D 129 11.18 -42.04 -0.27
C GLY D 129 10.06 -42.33 -1.26
N LEU D 130 10.39 -43.01 -2.35
CA LEU D 130 9.45 -43.20 -3.45
C LEU D 130 9.07 -44.65 -3.73
N PHE D 131 9.92 -45.60 -3.35
CA PHE D 131 9.70 -47.01 -3.68
C PHE D 131 9.94 -47.97 -2.51
N ASP D 132 9.45 -49.20 -2.66
CA ASP D 132 9.60 -50.25 -1.64
C ASP D 132 10.76 -51.19 -1.95
N SER D 133 10.89 -51.59 -3.21
CA SER D 133 11.92 -52.55 -3.63
C SER D 133 12.35 -52.34 -5.08
N LYS D 134 13.20 -53.27 -5.56
CA LYS D 134 13.77 -53.20 -6.91
C LYS D 134 12.85 -53.79 -7.96
N ASN D 135 12.00 -54.75 -7.58
CA ASN D 135 11.09 -55.38 -8.53
C ASN D 135 9.88 -54.52 -8.85
N TYR D 136 9.35 -54.69 -10.06
CA TYR D 136 8.25 -53.91 -10.59
C TYR D 136 6.96 -54.10 -9.77
N ALA D 137 6.50 -53.02 -9.16
CA ALA D 137 5.23 -53.00 -8.44
C ALA D 137 4.35 -51.90 -9.02
N SER D 138 3.43 -52.28 -9.90
CA SER D 138 2.58 -51.35 -10.63
C SER D 138 1.62 -50.53 -9.77
N SER D 139 1.34 -51.01 -8.56
CA SER D 139 0.39 -50.35 -7.67
C SER D 139 0.95 -49.10 -6.99
N ASN D 140 2.25 -48.86 -7.13
CA ASN D 140 2.89 -47.62 -6.66
C ASN D 140 2.51 -46.43 -7.53
N GLN D 141 2.30 -46.70 -8.82
CA GLN D 141 1.90 -45.69 -9.81
C GLN D 141 2.72 -44.41 -9.73
N THR D 142 4.03 -44.56 -9.82
CA THR D 142 4.96 -43.45 -9.64
C THR D 142 5.98 -43.36 -10.77
N VAL D 143 6.06 -42.20 -11.39
CA VAL D 143 7.13 -41.85 -12.34
C VAL D 143 8.04 -40.86 -11.64
N ALA D 144 9.35 -41.09 -11.70
CA ALA D 144 10.33 -40.20 -11.10
C ALA D 144 11.57 -40.07 -11.96
N VAL D 145 12.15 -38.87 -11.95
CA VAL D 145 13.47 -38.67 -12.52
C VAL D 145 14.38 -38.47 -11.33
N GLU D 146 15.28 -39.43 -11.11
CA GLU D 146 16.16 -39.39 -9.95
C GLU D 146 17.52 -38.79 -10.27
N PHE D 147 18.09 -38.17 -9.24
CA PHE D 147 19.45 -37.70 -9.30
C PHE D 147 20.14 -38.38 -8.14
N ASP D 148 20.85 -39.45 -8.47
CA ASP D 148 21.27 -40.46 -7.51
C ASP D 148 22.76 -40.32 -7.16
N THR D 149 23.01 -39.84 -5.94
CA THR D 149 24.35 -39.55 -5.42
C THR D 149 25.08 -40.79 -4.89
N PHE D 150 24.37 -41.90 -4.74
CA PHE D 150 24.92 -43.06 -4.04
C PHE D 150 24.77 -44.41 -4.76
N TYR D 151 25.89 -45.13 -4.84
CA TYR D 151 25.98 -46.44 -5.48
C TYR D 151 25.33 -47.54 -4.63
N ASN D 152 24.07 -47.85 -4.92
CA ASN D 152 23.35 -48.91 -4.21
C ASN D 152 23.58 -50.29 -4.78
N GLY D 153 24.18 -50.34 -5.98
CA GLY D 153 24.68 -51.58 -6.57
C GLY D 153 23.66 -52.71 -6.73
N GLY D 154 22.93 -52.97 -5.65
CA GLY D 154 21.81 -53.90 -5.71
C GLY D 154 21.00 -53.63 -6.95
N TRP D 155 21.11 -52.39 -7.45
CA TRP D 155 20.38 -51.97 -8.64
C TRP D 155 21.06 -50.85 -9.45
N ASP D 156 22.00 -50.15 -8.82
CA ASP D 156 22.59 -48.93 -9.42
C ASP D 156 23.76 -49.15 -10.38
N PRO D 157 23.94 -48.22 -11.34
CA PRO D 157 25.20 -48.17 -12.12
C PRO D 157 26.34 -47.72 -11.22
N THR D 158 27.57 -47.84 -11.71
CA THR D 158 28.76 -47.62 -10.88
C THR D 158 28.97 -46.19 -10.39
N GLU D 159 28.69 -45.21 -11.25
CA GLU D 159 28.88 -43.80 -10.89
C GLU D 159 27.57 -43.06 -10.64
N ARG D 160 27.69 -41.80 -10.17
CA ARG D 160 26.54 -40.93 -9.97
C ARG D 160 25.77 -40.83 -11.28
N HIS D 161 24.45 -40.87 -11.19
CA HIS D 161 23.63 -40.97 -12.39
C HIS D 161 22.30 -40.23 -12.30
N ILE D 162 21.78 -39.87 -13.46
CA ILE D 162 20.39 -39.49 -13.59
C ILE D 162 19.67 -40.73 -14.11
N GLY D 163 18.51 -41.03 -13.51
CA GLY D 163 17.73 -42.18 -13.97
C GLY D 163 16.25 -41.88 -14.08
N ILE D 164 15.58 -42.66 -14.93
CA ILE D 164 14.12 -42.62 -15.03
C ILE D 164 13.54 -43.84 -14.31
N ASP D 165 12.73 -43.58 -13.29
CA ASP D 165 12.14 -44.62 -12.45
C ASP D 165 10.66 -44.80 -12.72
N VAL D 166 10.29 -46.02 -13.12
CA VAL D 166 8.90 -46.38 -13.37
C VAL D 166 8.49 -47.52 -12.45
N ASN D 167 7.78 -47.19 -11.36
CA ASN D 167 7.28 -48.17 -10.39
C ASN D 167 8.37 -49.04 -9.74
N SER D 168 9.61 -48.56 -9.81
CA SER D 168 10.77 -49.27 -9.30
C SER D 168 11.92 -48.30 -9.05
N ILE D 169 12.73 -48.57 -8.02
CA ILE D 169 13.96 -47.83 -7.78
C ILE D 169 15.05 -48.23 -8.79
N LYS D 170 14.83 -49.35 -9.47
CA LYS D 170 15.73 -49.82 -10.50
C LYS D 170 15.38 -49.15 -11.82
N SER D 171 16.05 -48.04 -12.11
CA SER D 171 15.78 -47.23 -13.29
C SER D 171 15.69 -48.04 -14.58
N ILE D 172 14.74 -47.68 -15.44
CA ILE D 172 14.61 -48.33 -16.74
C ILE D 172 15.68 -47.84 -17.73
N LYS D 173 16.29 -46.70 -17.41
CA LYS D 173 17.41 -46.14 -18.17
C LYS D 173 18.14 -45.10 -17.32
N THR D 174 19.47 -45.09 -17.43
CA THR D 174 20.28 -44.09 -16.72
C THR D 174 21.27 -43.39 -17.64
N THR D 175 21.90 -42.34 -17.13
CA THR D 175 23.05 -41.71 -17.79
C THR D 175 24.00 -41.16 -16.71
N SER D 176 25.29 -41.15 -17.02
CA SER D 176 26.32 -40.63 -16.12
C SER D 176 26.05 -39.20 -15.70
N TRP D 177 26.31 -38.94 -14.43
CA TRP D 177 26.19 -37.59 -13.89
C TRP D 177 27.48 -37.23 -13.14
N ASP D 178 28.27 -36.35 -13.72
CA ASP D 178 29.46 -35.81 -13.07
C ASP D 178 29.04 -34.78 -12.02
N PHE D 179 28.51 -35.27 -10.91
CA PHE D 179 27.99 -34.45 -9.83
C PHE D 179 29.07 -33.56 -9.22
N ALA D 180 28.79 -32.26 -9.18
CA ALA D 180 29.68 -31.27 -8.60
C ALA D 180 29.17 -30.88 -7.22
N ASN D 181 29.88 -31.32 -6.18
CA ASN D 181 29.48 -31.12 -4.78
C ASN D 181 29.25 -29.65 -4.44
N GLY D 182 28.07 -29.37 -3.89
CA GLY D 182 27.72 -28.02 -3.43
C GLY D 182 27.53 -27.00 -4.53
N GLU D 183 27.41 -27.47 -5.76
CA GLU D 183 27.22 -26.60 -6.91
C GLU D 183 25.80 -26.73 -7.45
N ASN D 184 25.19 -25.61 -7.82
CA ASN D 184 23.83 -25.60 -8.37
C ASN D 184 23.67 -26.49 -9.58
N ALA D 185 22.59 -27.27 -9.62
CA ALA D 185 22.24 -28.03 -10.81
C ALA D 185 20.90 -27.51 -11.35
N GLU D 186 20.91 -27.09 -12.61
CA GLU D 186 19.68 -26.60 -13.25
C GLU D 186 19.10 -27.70 -14.14
N VAL D 187 17.90 -28.15 -13.77
CA VAL D 187 17.27 -29.31 -14.40
C VAL D 187 16.10 -28.90 -15.28
N LEU D 188 15.98 -29.54 -16.44
CA LEU D 188 14.78 -29.45 -17.25
C LEU D 188 14.24 -30.86 -17.56
N ILE D 189 12.99 -31.10 -17.19
CA ILE D 189 12.29 -32.34 -17.52
C ILE D 189 11.06 -32.01 -18.36
N THR D 190 10.95 -32.66 -19.52
CA THR D 190 9.83 -32.45 -20.44
C THR D 190 9.19 -33.79 -20.80
N TYR D 191 7.87 -33.79 -20.96
CA TYR D 191 7.15 -34.94 -21.47
C TYR D 191 6.28 -34.54 -22.65
N ASP D 192 6.53 -35.15 -23.81
CA ASP D 192 5.77 -34.89 -25.01
C ASP D 192 4.72 -35.98 -25.20
N SER D 193 3.46 -35.58 -25.25
CA SER D 193 2.34 -36.52 -25.37
C SER D 193 2.35 -37.27 -26.70
N SER D 194 2.73 -36.58 -27.77
CA SER D 194 2.64 -37.14 -29.11
C SER D 194 3.72 -38.18 -29.43
N THR D 195 4.87 -38.08 -28.76
CA THR D 195 5.96 -39.05 -28.93
C THR D 195 6.16 -39.94 -27.70
N ASN D 196 5.42 -39.66 -26.64
CA ASN D 196 5.54 -40.36 -25.34
C ASN D 196 6.96 -40.30 -24.74
N LEU D 197 7.70 -39.26 -25.10
CA LEU D 197 9.09 -39.15 -24.73
C LEU D 197 9.31 -38.28 -23.50
N LEU D 198 9.94 -38.87 -22.50
CA LEU D 198 10.37 -38.15 -21.32
C LEU D 198 11.84 -37.82 -21.48
N VAL D 199 12.16 -36.53 -21.43
CA VAL D 199 13.54 -36.07 -21.54
C VAL D 199 13.92 -35.37 -20.24
N ALA D 200 15.11 -35.66 -19.74
CA ALA D 200 15.62 -35.01 -18.54
C ALA D 200 17.05 -34.55 -18.78
N SER D 201 17.31 -33.29 -18.46
CA SER D 201 18.65 -32.74 -18.62
C SER D 201 19.08 -32.00 -17.37
N LEU D 202 20.37 -32.08 -17.07
CA LEU D 202 20.96 -31.38 -15.94
C LEU D 202 22.13 -30.56 -16.44
N VAL D 203 22.23 -29.34 -15.93
CA VAL D 203 23.35 -28.46 -16.22
C VAL D 203 23.97 -27.97 -14.90
N HIS D 204 25.29 -28.04 -14.83
CA HIS D 204 26.06 -27.40 -13.76
C HIS D 204 26.73 -26.19 -14.36
N PRO D 205 26.09 -25.01 -14.27
CA PRO D 205 26.60 -23.80 -14.93
C PRO D 205 28.00 -23.40 -14.49
N SER D 206 28.32 -23.56 -13.22
CA SER D 206 29.66 -23.24 -12.71
C SER D 206 30.77 -24.13 -13.31
N GLN D 207 30.39 -25.34 -13.74
CA GLN D 207 31.33 -26.28 -14.36
C GLN D 207 31.25 -26.30 -15.88
N LYS D 208 30.19 -25.68 -16.43
CA LYS D 208 29.90 -25.72 -17.87
C LYS D 208 29.66 -27.15 -18.36
N THR D 209 29.11 -27.98 -17.48
CA THR D 209 28.82 -29.36 -17.80
C THR D 209 27.32 -29.57 -18.00
N SER D 210 26.97 -30.58 -18.80
CA SER D 210 25.57 -30.86 -19.08
C SER D 210 25.39 -32.35 -19.34
N PHE D 211 24.20 -32.86 -18.99
CA PHE D 211 23.88 -34.28 -19.09
C PHE D 211 22.43 -34.48 -19.50
N ILE D 212 22.13 -35.53 -20.25
CA ILE D 212 20.80 -35.72 -20.81
C ILE D 212 20.36 -37.20 -20.90
N VAL D 213 19.09 -37.44 -20.57
CA VAL D 213 18.46 -38.78 -20.57
C VAL D 213 17.13 -38.69 -21.29
N SER D 214 16.81 -39.69 -22.11
CA SER D 214 15.54 -39.74 -22.80
C SER D 214 15.05 -41.18 -22.94
N GLU D 215 13.79 -41.40 -22.58
CA GLU D 215 13.17 -42.71 -22.71
C GLU D 215 11.67 -42.58 -22.94
N ARG D 216 11.12 -43.51 -23.71
CA ARG D 216 9.70 -43.59 -23.97
C ARG D 216 8.98 -44.10 -22.72
N VAL D 217 7.99 -43.33 -22.27
CA VAL D 217 7.16 -43.73 -21.14
C VAL D 217 5.70 -43.46 -21.48
N ASP D 218 4.86 -44.49 -21.38
CA ASP D 218 3.42 -44.33 -21.58
C ASP D 218 2.80 -44.07 -20.22
N LEU D 219 2.37 -42.84 -20.02
CA LEU D 219 1.86 -42.40 -18.72
C LEU D 219 0.47 -42.95 -18.39
N THR D 220 -0.32 -43.24 -19.41
CA THR D 220 -1.64 -43.86 -19.22
C THR D 220 -1.52 -45.27 -18.66
N SER D 221 -0.38 -45.91 -18.92
CA SER D 221 -0.05 -47.23 -18.37
C SER D 221 0.45 -47.16 -16.93
N VAL D 222 1.09 -46.04 -16.57
CA VAL D 222 1.83 -45.95 -15.31
C VAL D 222 1.12 -45.14 -14.24
N LEU D 223 0.61 -43.97 -14.60
CA LEU D 223 0.06 -43.03 -13.63
C LEU D 223 -1.46 -43.00 -13.62
N PRO D 224 -2.07 -42.67 -12.47
CA PRO D 224 -3.51 -42.39 -12.46
C PRO D 224 -3.79 -41.11 -13.25
N GLU D 225 -5.06 -40.83 -13.51
CA GLU D 225 -5.42 -39.64 -14.28
C GLU D 225 -4.96 -38.35 -13.59
N TRP D 226 -5.06 -38.33 -12.28
CA TRP D 226 -4.65 -37.19 -11.47
C TRP D 226 -3.43 -37.52 -10.62
N VAL D 227 -2.45 -36.62 -10.61
CA VAL D 227 -1.24 -36.80 -9.81
C VAL D 227 -0.86 -35.54 -9.03
N SER D 228 -0.07 -35.73 -7.98
CA SER D 228 0.65 -34.63 -7.34
C SER D 228 2.07 -34.60 -7.91
N VAL D 229 2.54 -33.40 -8.23
CA VAL D 229 3.91 -33.24 -8.72
C VAL D 229 4.79 -32.60 -7.66
N GLY D 230 6.06 -32.98 -7.64
CA GLY D 230 7.01 -32.44 -6.67
C GLY D 230 8.28 -33.26 -6.48
N PHE D 231 8.79 -33.24 -5.27
CA PHE D 231 10.14 -33.74 -4.98
C PHE D 231 10.19 -34.70 -3.81
N SER D 232 11.18 -35.58 -3.85
CA SER D 232 11.46 -36.50 -2.75
C SER D 232 12.97 -36.66 -2.63
N ALA D 233 13.46 -36.67 -1.39
CA ALA D 233 14.89 -36.83 -1.16
C ALA D 233 15.19 -37.49 0.17
N THR D 234 16.38 -38.09 0.26
CA THR D 234 16.81 -38.78 1.48
C THR D 234 18.29 -38.56 1.74
N THR D 235 18.68 -38.69 3.00
CA THR D 235 20.08 -38.80 3.38
C THR D 235 20.38 -40.26 3.71
N GLY D 236 21.66 -40.56 3.99
CA GLY D 236 22.11 -41.93 4.18
C GLY D 236 21.53 -42.67 5.36
N LEU D 237 21.69 -43.99 5.35
CA LEU D 237 21.30 -44.82 6.47
C LEU D 237 22.49 -45.11 7.39
N SER D 238 23.48 -44.22 7.35
CA SER D 238 24.61 -44.27 8.26
C SER D 238 25.00 -42.88 8.70
N LYS D 239 25.44 -42.77 9.96
CA LYS D 239 25.73 -41.50 10.63
C LYS D 239 26.49 -40.49 9.79
N GLY D 240 27.47 -40.97 9.02
CA GLY D 240 28.40 -40.10 8.30
C GLY D 240 28.07 -39.82 6.84
N TYR D 241 27.09 -40.56 6.30
CA TYR D 241 26.69 -40.41 4.89
C TYR D 241 25.62 -39.33 4.75
N VAL D 242 26.06 -38.07 4.79
CA VAL D 242 25.16 -36.92 4.89
C VAL D 242 25.34 -35.93 3.75
N GLU D 243 24.24 -35.31 3.36
CA GLU D 243 24.21 -34.25 2.35
C GLU D 243 22.97 -33.41 2.53
N THR D 244 23.00 -32.17 2.03
CA THR D 244 21.79 -31.37 1.92
C THR D 244 21.06 -31.81 0.65
N ASN D 245 19.73 -31.64 0.65
CA ASN D 245 18.92 -31.85 -0.55
C ASN D 245 17.97 -30.65 -0.72
N GLU D 246 18.54 -29.55 -1.21
CA GLU D 246 17.82 -28.28 -1.30
C GLU D 246 17.34 -27.97 -2.71
N VAL D 247 16.15 -27.39 -2.80
CA VAL D 247 15.62 -26.91 -4.08
C VAL D 247 15.49 -25.39 -3.98
N LEU D 248 16.16 -24.68 -4.89
CA LEU D 248 16.26 -23.22 -4.81
C LEU D 248 15.14 -22.52 -5.56
N SER D 249 14.73 -23.10 -6.70
CA SER D 249 13.61 -22.57 -7.49
C SER D 249 12.93 -23.73 -8.22
N TRP D 250 11.68 -23.51 -8.61
CA TRP D 250 10.88 -24.55 -9.26
C TRP D 250 9.80 -23.95 -10.14
N SER D 251 9.70 -24.49 -11.35
CA SER D 251 8.72 -24.06 -12.33
C SER D 251 8.05 -25.27 -12.99
N PHE D 252 6.73 -25.19 -13.17
CA PHE D 252 5.97 -26.28 -13.79
C PHE D 252 4.94 -25.72 -14.75
N ALA D 253 4.71 -26.43 -15.85
CA ALA D 253 3.63 -26.09 -16.78
C ALA D 253 3.09 -27.36 -17.45
N SER D 254 1.77 -27.42 -17.59
CA SER D 254 1.12 -28.58 -18.21
C SER D 254 -0.07 -28.17 -19.07
N LYS D 255 -0.27 -28.92 -20.15
CA LYS D 255 -1.29 -28.61 -21.13
C LYS D 255 -2.04 -29.89 -21.52
N LEU D 256 -3.33 -29.92 -21.21
CA LEU D 256 -4.19 -31.04 -21.57
C LEU D 256 -5.22 -30.62 -22.63
N SER D 257 -5.07 -31.19 -23.82
CA SER D 257 -6.02 -30.97 -24.91
C SER D 257 -7.40 -31.57 -24.61
N ILE D 258 -8.44 -30.96 -25.17
CA ILE D 258 -9.83 -31.36 -24.88
C ILE D 258 -10.33 -32.64 -25.58
N ASN D 259 -9.94 -32.83 -26.84
CA ASN D 259 -10.45 -33.96 -27.64
C ASN D 259 -9.41 -34.64 -28.54
N LYS D 260 -9.08 -34.00 -29.67
CA LYS D 260 -8.17 -34.57 -30.69
C LYS D 260 -8.62 -35.95 -31.19
N ASN D 265 4.28 -28.23 -25.83
CA ASN D 265 4.36 -27.24 -24.75
C ASN D 265 5.34 -26.25 -25.37
N LYS D 266 4.95 -24.97 -25.38
CA LYS D 266 5.78 -23.92 -25.93
C LYS D 266 6.97 -23.87 -24.97
N LEU D 267 8.03 -24.57 -25.32
CA LEU D 267 9.18 -24.76 -24.43
C LEU D 267 10.12 -23.57 -24.38
N ALA D 268 10.29 -22.91 -25.53
CA ALA D 268 11.15 -21.73 -25.60
C ALA D 268 10.67 -20.68 -24.61
N ILE D 269 9.36 -20.55 -24.45
CA ILE D 269 8.81 -19.56 -23.54
C ILE D 269 8.78 -20.05 -22.08
N PHE D 270 8.88 -21.36 -21.89
CA PHE D 270 8.78 -21.94 -20.56
C PHE D 270 10.04 -21.82 -19.70
N ASN D 271 11.20 -22.10 -20.28
CA ASN D 271 12.44 -22.09 -19.50
C ASN D 271 12.90 -20.70 -19.11
N LEU D 272 12.34 -19.68 -19.76
CA LEU D 272 12.54 -18.31 -19.35
C LEU D 272 11.95 -18.11 -17.95
N GLU D 273 10.87 -18.84 -17.68
CA GLU D 273 10.21 -18.75 -16.38
C GLU D 273 11.10 -19.28 -15.26
N GLY D 274 11.60 -20.50 -15.43
CA GLY D 274 12.46 -21.11 -14.45
C GLY D 274 13.97 -21.14 -14.65
N LYS D 275 14.43 -22.02 -15.51
CA LYS D 275 15.86 -22.15 -15.80
C LYS D 275 16.01 -21.72 -17.25
CA CA E . -1.53 38.07 -10.69
MN MN F . 1.27 37.98 -7.46
C1 GAL G . -6.09 41.58 -17.51
C2 GAL G . -5.88 41.70 -16.00
C3 GAL G . -5.45 40.35 -15.41
C4 GAL G . -6.37 39.22 -15.87
C5 GAL G . -6.48 39.26 -17.40
C6 GAL G . -7.35 38.14 -17.96
O1 GAL G . -6.68 42.78 -17.99
O2 GAL G . -4.91 42.69 -15.72
O3 GAL G . -5.41 40.42 -14.00
O4 GAL G . -7.64 39.36 -15.29
O5 GAL G . -6.97 40.52 -17.80
O6 GAL G . -7.25 38.16 -19.36
C1 EDO H . -9.82 40.38 19.94
O1 EDO H . -8.91 40.49 18.86
C2 EDO H . -11.12 41.11 19.61
O2 EDO H . -12.00 40.31 18.83
C1 EDO I . 0.02 51.18 11.05
O1 EDO I . 0.09 52.11 9.96
C2 EDO I . -0.12 51.92 12.38
O2 EDO I . -1.25 52.80 12.34
C1 EDO J . -9.22 29.79 -24.62
O1 EDO J . -9.31 28.37 -24.84
C2 EDO J . -10.44 30.26 -23.84
O2 EDO J . -10.50 29.60 -22.57
C1 EDO K . -15.85 41.60 -16.95
O1 EDO K . -14.46 41.61 -16.60
C2 EDO K . -16.05 40.88 -18.28
O2 EDO K . -15.56 39.53 -18.16
CA CA L . -29.11 -7.90 -5.16
MN MN M . -25.82 -5.46 -5.74
C1 GAL N . -35.84 -11.55 -0.93
C2 GAL N . -34.32 -11.73 -0.90
C3 GAL N . -33.76 -11.46 -2.29
C4 GAL N . -34.46 -12.32 -3.34
C5 GAL N . -35.99 -12.25 -3.18
C6 GAL N . -36.73 -13.18 -4.14
O1 GAL N . -36.37 -11.74 0.35
O2 GAL N . -33.73 -10.88 0.06
O3 GAL N . -32.37 -11.71 -2.29
O4 GAL N . -34.01 -13.66 -3.24
O5 GAL N . -36.37 -12.51 -1.83
O6 GAL N . -37.94 -13.63 -3.56
C1 EDO O . -35.91 -20.45 -0.02
O1 EDO O . -35.35 -21.70 -0.44
C2 EDO O . -37.41 -20.58 0.16
O2 EDO O . -37.96 -21.35 -0.91
CA CA P . 22.34 10.77 7.58
MN MN Q . 18.24 10.92 5.76
C1 GAL R . 30.17 7.30 10.16
C2 GAL R . 28.67 7.04 10.28
C3 GAL R . 27.86 8.33 10.11
C4 GAL R . 28.46 9.48 10.92
C5 GAL R . 29.96 9.55 10.69
C6 GAL R . 30.64 10.67 11.47
O1 GAL R . 30.87 6.13 10.48
O2 GAL R . 28.30 6.10 9.30
O3 GAL R . 26.52 8.12 10.51
O4 GAL R . 28.21 9.26 12.30
O5 GAL R . 30.54 8.31 11.06
O6 GAL R . 32.03 10.66 11.23
C1 PEG S . 30.87 1.44 11.44
O1 PEG S . 29.46 1.56 11.18
C2 PEG S . 31.09 0.85 12.82
O2 PEG S . 31.53 1.88 13.70
C3 PEG S . 32.76 1.57 14.35
C4 PEG S . 33.17 2.73 15.24
O4 PEG S . 34.04 2.26 16.28
C1 PEG T . 19.67 32.34 19.32
O1 PEG T . 20.83 33.19 19.37
C2 PEG T . 19.40 31.91 17.87
O2 PEG T . 18.16 31.21 17.78
C3 PEG T . 17.50 31.43 16.53
C4 PEG T . 16.12 32.05 16.75
O4 PEG T . 15.20 31.56 15.75
C1 EDO U . -7.75 7.17 23.21
O1 EDO U . -7.81 7.92 21.99
C2 EDO U . -7.61 8.15 24.37
O2 EDO U . -8.48 7.75 25.43
C1 EDO V . 33.15 6.81 18.33
O1 EDO V . 31.76 6.44 18.25
C2 EDO V . 33.30 8.01 19.26
O2 EDO V . 32.28 7.99 20.27
CA CA W . 21.31 -44.96 -5.06
MN MN X . 19.83 -44.99 -9.27
C1 GAL Y . 22.99 -48.28 2.83
C2 GAL Y . 21.78 -47.77 2.06
C3 GAL Y . 22.23 -46.69 1.08
C4 GAL Y . 23.02 -45.58 1.79
C5 GAL Y . 24.12 -46.21 2.66
C6 GAL Y . 24.87 -45.18 3.50
O1 GAL Y . 22.61 -49.25 3.77
O2 GAL Y . 21.11 -48.82 1.39
O3 GAL Y . 21.14 -46.12 0.39
O4 GAL Y . 22.13 -44.79 2.54
O5 GAL Y . 23.55 -47.19 3.52
O6 GAL Y . 25.77 -45.85 4.35
C1 EDO Z . 20.74 -43.81 10.64
O1 EDO Z . 19.72 -44.32 9.78
C2 EDO Z . 20.18 -42.62 11.40
O2 EDO Z . 21.16 -41.57 11.40
#